data_1F6C
# 
_entry.id   1F6C 
# 
_audit_conform.dict_name       mmcif_pdbx.dic 
_audit_conform.dict_version    5.385 
_audit_conform.dict_location   http://mmcif.pdb.org/dictionaries/ascii/mmcif_pdbx.dic 
# 
loop_
_database_2.database_id 
_database_2.database_code 
_database_2.pdbx_database_accession 
_database_2.pdbx_DOI 
PDB   1F6C         pdb_00001f6c 10.2210/pdb1f6c/pdb 
NDB   BD0040       ?            ?                   
RCSB  RCSB011297   ?            ?                   
WWPDB D_1000011297 ?            ?                   
# 
loop_
_pdbx_audit_revision_history.ordinal 
_pdbx_audit_revision_history.data_content_type 
_pdbx_audit_revision_history.major_revision 
_pdbx_audit_revision_history.minor_revision 
_pdbx_audit_revision_history.revision_date 
1 'Structure model' 1 0 2000-08-28 
2 'Structure model' 1 1 2008-04-27 
3 'Structure model' 1 2 2011-07-13 
4 'Structure model' 1 3 2024-02-07 
# 
_pdbx_audit_revision_details.ordinal             1 
_pdbx_audit_revision_details.revision_ordinal    1 
_pdbx_audit_revision_details.data_content_type   'Structure model' 
_pdbx_audit_revision_details.provider            repository 
_pdbx_audit_revision_details.type                'Initial release' 
_pdbx_audit_revision_details.description         ? 
_pdbx_audit_revision_details.details             ? 
# 
loop_
_pdbx_audit_revision_group.ordinal 
_pdbx_audit_revision_group.revision_ordinal 
_pdbx_audit_revision_group.data_content_type 
_pdbx_audit_revision_group.group 
1 2 'Structure model' 'Version format compliance' 
2 3 'Structure model' 'Version format compliance' 
3 4 'Structure model' Advisory                    
4 4 'Structure model' 'Data collection'           
5 4 'Structure model' 'Database references'       
6 4 'Structure model' 'Derived calculations'      
# 
loop_
_pdbx_audit_revision_category.ordinal 
_pdbx_audit_revision_category.revision_ordinal 
_pdbx_audit_revision_category.data_content_type 
_pdbx_audit_revision_category.category 
1 4 'Structure model' chem_comp_atom               
2 4 'Structure model' chem_comp_bond               
3 4 'Structure model' database_2                   
4 4 'Structure model' pdbx_unobs_or_zero_occ_atoms 
5 4 'Structure model' struct_conn                  
6 4 'Structure model' struct_site                  
# 
loop_
_pdbx_audit_revision_item.ordinal 
_pdbx_audit_revision_item.revision_ordinal 
_pdbx_audit_revision_item.data_content_type 
_pdbx_audit_revision_item.item 
1 4 'Structure model' '_database_2.pdbx_DOI'                
2 4 'Structure model' '_database_2.pdbx_database_accession' 
3 4 'Structure model' '_struct_conn.pdbx_leaving_atom_flag' 
4 4 'Structure model' '_struct_site.pdbx_auth_asym_id'      
5 4 'Structure model' '_struct_site.pdbx_auth_comp_id'      
6 4 'Structure model' '_struct_site.pdbx_auth_seq_id'       
# 
_pdbx_database_status.status_code                     REL 
_pdbx_database_status.entry_id                        1F6C 
_pdbx_database_status.recvd_initial_deposition_date   2000-06-21 
_pdbx_database_status.deposit_site                    NDB 
_pdbx_database_status.process_site                    NDB 
_pdbx_database_status.status_code_sf                  REL 
_pdbx_database_status.SG_entry                        . 
_pdbx_database_status.pdb_format_compatible           Y 
_pdbx_database_status.status_code_mr                  ? 
_pdbx_database_status.status_code_cs                  ? 
_pdbx_database_status.status_code_nmr_data            ? 
_pdbx_database_status.methods_development_category    ? 
# 
loop_
_pdbx_database_related.db_name 
_pdbx_database_related.db_id 
_pdbx_database_related.details 
_pdbx_database_related.content_type 
PDB 1F69 'B-DNA HEXAMER GGCGCC WITH COBALT HEXAMINE' unspecified 
PDB 1F6E 'A-DNA HEXAMER GGCGM5CC'                    unspecified 
PDB 1F6I 'E-DNA HEXAMER GGCGM5CC'                    unspecified 
PDB 1F6J 'E-DNA HEXAMER GGCGBR5CC'                   unspecified 
# 
loop_
_audit_author.name 
_audit_author.pdbx_ordinal 
'Vargason, J.M.' 1 
'Eichman, B.F.'  2 
'Ho, P.S.'       3 
# 
_citation.id                        primary 
_citation.title                     'The extended and eccentric E-DNA structure induced by cytosine methylation or bromination.' 
_citation.journal_abbrev            Nat.Struct.Biol. 
_citation.journal_volume            7 
_citation.page_first                758 
_citation.page_last                 761 
_citation.year                      2000 
_citation.journal_id_ASTM           NSBIEW 
_citation.country                   US 
_citation.journal_id_ISSN           1072-8368 
_citation.journal_id_CSD            2024 
_citation.book_publisher            ? 
_citation.pdbx_database_id_PubMed   10966645 
_citation.pdbx_database_id_DOI      10.1038/78985 
# 
loop_
_citation_author.citation_id 
_citation_author.name 
_citation_author.ordinal 
_citation_author.identifier_ORCID 
primary 'Vargason, J.M.' 1 ? 
primary 'Eichman, B.F.'  2 ? 
primary 'Ho, P.S.'       3 ? 
# 
loop_
_entity.id 
_entity.type 
_entity.src_method 
_entity.pdbx_description 
_entity.formula_weight 
_entity.pdbx_number_of_molecules 
_entity.pdbx_ec 
_entity.pdbx_mutation 
_entity.pdbx_fragment 
_entity.details 
1 polymer     syn 
;DNA (5'-D(*GP*GP*CP*GP*CP*C)-3')
;
1810.205 5  ? ? ? ? 
2 non-polymer syn SPERMINE                           202.340  2  ? ? ? ? 
3 water       nat water                              18.015   16 ? ? ? ? 
# 
_entity_poly.entity_id                      1 
_entity_poly.type                           polydeoxyribonucleotide 
_entity_poly.nstd_linkage                   no 
_entity_poly.nstd_monomer                   no 
_entity_poly.pdbx_seq_one_letter_code       '(DG)(DG)(DC)(DG)(DC)(DC)' 
_entity_poly.pdbx_seq_one_letter_code_can   GGCGCC 
_entity_poly.pdbx_strand_id                 A,B,C,D,E 
_entity_poly.pdbx_target_identifier         ? 
# 
loop_
_pdbx_entity_nonpoly.entity_id 
_pdbx_entity_nonpoly.name 
_pdbx_entity_nonpoly.comp_id 
2 SPERMINE SPM 
3 water    HOH 
# 
loop_
_entity_poly_seq.entity_id 
_entity_poly_seq.num 
_entity_poly_seq.mon_id 
_entity_poly_seq.hetero 
1 1 DG n 
1 2 DG n 
1 3 DC n 
1 4 DG n 
1 5 DC n 
1 6 DC n 
# 
loop_
_chem_comp.id 
_chem_comp.type 
_chem_comp.mon_nstd_flag 
_chem_comp.name 
_chem_comp.pdbx_synonyms 
_chem_comp.formula 
_chem_comp.formula_weight 
DC  'DNA linking' y "2'-DEOXYCYTIDINE-5'-MONOPHOSPHATE"  ? 'C9 H14 N3 O7 P'  307.197 
DG  'DNA linking' y "2'-DEOXYGUANOSINE-5'-MONOPHOSPHATE" ? 'C10 H14 N5 O7 P' 347.221 
HOH non-polymer   . WATER                                ? 'H2 O'            18.015  
SPM non-polymer   . SPERMINE                             ? 'C10 H26 N4'      202.340 
# 
loop_
_pdbx_poly_seq_scheme.asym_id 
_pdbx_poly_seq_scheme.entity_id 
_pdbx_poly_seq_scheme.seq_id 
_pdbx_poly_seq_scheme.mon_id 
_pdbx_poly_seq_scheme.ndb_seq_num 
_pdbx_poly_seq_scheme.pdb_seq_num 
_pdbx_poly_seq_scheme.auth_seq_num 
_pdbx_poly_seq_scheme.pdb_mon_id 
_pdbx_poly_seq_scheme.auth_mon_id 
_pdbx_poly_seq_scheme.pdb_strand_id 
_pdbx_poly_seq_scheme.pdb_ins_code 
_pdbx_poly_seq_scheme.hetero 
A 1 1 DG 1 1  1  DG G A . n 
A 1 2 DG 2 2  2  DG G A . n 
A 1 3 DC 3 3  3  DC C A . n 
A 1 4 DG 4 4  4  DG G A . n 
A 1 5 DC 5 5  5  DC C A . n 
A 1 6 DC 6 6  6  DC C A . n 
B 1 1 DG 1 7  7  DG G B . n 
B 1 2 DG 2 8  8  DG G B . n 
B 1 3 DC 3 9  9  DC C B . n 
B 1 4 DG 4 10 10 DG G B . n 
B 1 5 DC 5 11 11 DC C B . n 
B 1 6 DC 6 12 12 DC C B . n 
C 1 1 DG 1 13 13 DG G C . n 
C 1 2 DG 2 14 14 DG G C . n 
C 1 3 DC 3 15 15 DC C C . n 
C 1 4 DG 4 16 16 DG G C . n 
C 1 5 DC 5 17 17 DC C C . n 
C 1 6 DC 6 18 18 DC C C . n 
D 1 1 DG 1 19 19 DG G D . n 
D 1 2 DG 2 20 20 DG G D . n 
D 1 3 DC 3 21 21 DC C D . n 
D 1 4 DG 4 22 22 DG G D . n 
D 1 5 DC 5 23 23 DC C D . n 
D 1 6 DC 6 24 24 DC C D . n 
E 1 1 DG 1 25 25 DG G E . n 
E 1 2 DG 2 26 26 DG G E . n 
E 1 3 DC 3 27 27 DC C E . n 
E 1 4 DG 4 28 28 DG G E . n 
E 1 5 DC 5 29 29 DC C E . n 
E 1 6 DC 6 30 30 DC C E . n 
# 
loop_
_pdbx_nonpoly_scheme.asym_id 
_pdbx_nonpoly_scheme.entity_id 
_pdbx_nonpoly_scheme.mon_id 
_pdbx_nonpoly_scheme.ndb_seq_num 
_pdbx_nonpoly_scheme.pdb_seq_num 
_pdbx_nonpoly_scheme.auth_seq_num 
_pdbx_nonpoly_scheme.pdb_mon_id 
_pdbx_nonpoly_scheme.auth_mon_id 
_pdbx_nonpoly_scheme.pdb_strand_id 
_pdbx_nonpoly_scheme.pdb_ins_code 
F 2 SPM 1 32 32 SPM SPM B . 
G 2 SPM 1 31 31 SPM SPM D . 
H 3 HOH 1 34 34 HOH HOH A . 
H 3 HOH 2 36 36 HOH HOH A . 
H 3 HOH 3 38 38 HOH HOH A . 
H 3 HOH 4 39 39 HOH HOH A . 
I 3 HOH 1 33 33 HOH HOH B . 
I 3 HOH 2 42 42 HOH HOH B . 
I 3 HOH 3 44 44 HOH HOH B . 
J 3 HOH 1 35 35 HOH HOH C . 
J 3 HOH 2 37 37 HOH HOH C . 
J 3 HOH 3 40 40 HOH HOH C . 
J 3 HOH 4 41 41 HOH HOH C . 
J 3 HOH 5 43 43 HOH HOH C . 
J 3 HOH 6 45 45 HOH HOH C . 
J 3 HOH 7 46 46 HOH HOH C . 
J 3 HOH 8 47 47 HOH HOH C . 
J 3 HOH 9 48 48 HOH HOH C . 
# 
loop_
_software.name 
_software.classification 
_software.version 
_software.citation_id 
_software.pdbx_ordinal 
AMoRE  phasing          .     ? 1 
X-PLOR refinement       3.851 ? 2 
d*TREK 'data reduction' .     ? 3 
d*TREK 'data scaling'   .     ? 4 
# 
_cell.entry_id           1F6C 
_cell.length_a           71.500 
_cell.length_b           71.500 
_cell.length_c           59.630 
_cell.angle_alpha        90.00 
_cell.angle_beta         90.00 
_cell.angle_gamma        90.00 
_cell.Z_PDB              40 
_cell.pdbx_unique_axis   ? 
# 
_symmetry.entry_id                         1F6C 
_symmetry.space_group_name_H-M             'P 41 21 2' 
_symmetry.pdbx_full_space_group_name_H-M   ? 
_symmetry.cell_setting                     tetragonal 
_symmetry.Int_Tables_number                92 
# 
_exptl.entry_id          1F6C 
_exptl.method            'X-RAY DIFFRACTION' 
_exptl.crystals_number   1 
# 
_exptl_crystal.id                    1 
_exptl_crystal.density_meas          ? 
_exptl_crystal.density_percent_sol   69.23 
_exptl_crystal.density_Matthews      4.00 
_exptl_crystal.description           ? 
# 
_exptl_crystal_grow.crystal_id      1 
_exptl_crystal_grow.method          'VAPOR DIFFUSION, SITTING DROP' 
_exptl_crystal_grow.temp            298 
_exptl_crystal_grow.temp_details    ? 
_exptl_crystal_grow.pH              6.0 
_exptl_crystal_grow.pdbx_details    'MGCL2, SPERMINE, SODIUM CACODYLATE, pH 6.0, VAPOR DIFFUSION, SITTING DROP, temperature 298K' 
_exptl_crystal_grow.pdbx_pH_range   ? 
# 
loop_
_exptl_crystal_grow_comp.crystal_id 
_exptl_crystal_grow_comp.id 
_exptl_crystal_grow_comp.sol_id 
_exptl_crystal_grow_comp.name 
_exptl_crystal_grow_comp.volume 
_exptl_crystal_grow_comp.conc 
_exptl_crystal_grow_comp.details 
1 1 1 'SODIUM CACODYLATE' ? ? ? 
1 2 1 SPERMINE            ? ? ? 
1 3 1 MGCL2               ? ? ? 
1 4 2 MGCL2               ? ? ? 
# 
_diffrn.id                     1 
_diffrn.ambient_temp           298 
_diffrn.ambient_temp_details   ? 
_diffrn.crystal_id             1 
# 
_diffrn_detector.diffrn_id              1 
_diffrn_detector.detector               'IMAGE PLATE' 
_diffrn_detector.type                   'RIGAKU RAXIS IV' 
_diffrn_detector.pdbx_collection_date   1998-10-30 
_diffrn_detector.details                ? 
# 
_diffrn_radiation.diffrn_id                        1 
_diffrn_radiation.wavelength_id                    1 
_diffrn_radiation.pdbx_monochromatic_or_laue_m_l   M 
_diffrn_radiation.monochromator                    ? 
_diffrn_radiation.pdbx_diffrn_protocol             'SINGLE WAVELENGTH' 
_diffrn_radiation.pdbx_scattering_type             x-ray 
# 
_diffrn_radiation_wavelength.id           1 
_diffrn_radiation_wavelength.wavelength   1.5418 
_diffrn_radiation_wavelength.wt           1.0 
# 
_diffrn_source.diffrn_id                   1 
_diffrn_source.source                      'ROTATING ANODE' 
_diffrn_source.type                        'RIGAKU RU300' 
_diffrn_source.pdbx_synchrotron_site       ? 
_diffrn_source.pdbx_synchrotron_beamline   ? 
_diffrn_source.pdbx_wavelength             1.5418 
_diffrn_source.pdbx_wavelength_list        ? 
# 
_reflns.entry_id                     1F6C 
_reflns.observed_criterion_sigma_I   0.0 
_reflns.observed_criterion_sigma_F   0.0 
_reflns.d_resolution_low             500 
_reflns.d_resolution_high            2.7 
_reflns.number_obs                   4526 
_reflns.number_all                   4526 
_reflns.percent_possible_obs         98.8 
_reflns.pdbx_Rmerge_I_obs            0.0570000 
_reflns.pdbx_Rsym_value              ? 
_reflns.pdbx_netI_over_sigmaI        18.7 
_reflns.B_iso_Wilson_estimate        12.0 
_reflns.pdbx_redundancy              7.0 
_reflns.R_free_details               ? 
_reflns.pdbx_diffrn_id               1 
_reflns.pdbx_ordinal                 1 
# 
_reflns_shell.d_res_high             2.7 
_reflns_shell.d_res_low              2.82 
_reflns_shell.percent_possible_all   96.7 
_reflns_shell.Rmerge_I_obs           0.3950000 
_reflns_shell.pdbx_Rsym_value        ? 
_reflns_shell.meanI_over_sigI_obs    ? 
_reflns_shell.pdbx_redundancy        6.8 
_reflns_shell.percent_possible_obs   ? 
_reflns_shell.number_unique_all      ? 
_reflns_shell.pdbx_diffrn_id         ? 
_reflns_shell.pdbx_ordinal           1 
# 
_refine.entry_id                                 1F6C 
_refine.ls_number_reflns_obs                     4304 
_refine.ls_number_reflns_all                     4316 
_refine.pdbx_ls_sigma_I                          ? 
_refine.pdbx_ls_sigma_F                          2.0 
_refine.pdbx_data_cutoff_high_absF               ? 
_refine.pdbx_data_cutoff_low_absF                ? 
_refine.pdbx_data_cutoff_high_rms_absF           ? 
_refine.ls_d_res_low                             8.0 
_refine.ls_d_res_high                            2.7 
_refine.ls_percent_reflns_obs                    ? 
_refine.ls_R_factor_obs                          0.2320000 
_refine.ls_R_factor_all                          0.2330000 
_refine.ls_R_factor_R_work                       0.2260000 
_refine.ls_R_factor_R_free                       0.2880000 
_refine.ls_R_factor_R_free_error                 ? 
_refine.ls_R_factor_R_free_error_details         ? 
_refine.ls_percent_reflns_R_free                 10.4 
_refine.ls_number_reflns_R_free                  447 
_refine.ls_number_parameters                     ? 
_refine.ls_number_restraints                     ? 
_refine.occupancy_min                            ? 
_refine.occupancy_max                            ? 
_refine.B_iso_mean                               ? 
_refine.aniso_B[1][1]                            -9.9024 
_refine.aniso_B[2][2]                            -9.9024 
_refine.aniso_B[3][3]                            19.8048 
_refine.aniso_B[1][2]                            0.0000 
_refine.aniso_B[1][3]                            0.0000 
_refine.aniso_B[2][3]                            0.0000 
_refine.solvent_model_details                    ? 
_refine.solvent_model_param_ksol                 ? 
_refine.solvent_model_param_bsol                 ? 
_refine.pdbx_ls_cross_valid_method               THROUGHOUT 
_refine.details                                  
'ANISOTROPIC B VALUES WERE APPLIED TO FCALC DURING REFINEMENT IN ORDER TO SCALE FCALC TO FOBS' 
_refine.pdbx_starting_model                      ? 
_refine.pdbx_method_to_determine_struct          'MOLECULAR REPLACEMENT' 
_refine.pdbx_isotropic_thermal_model             ? 
_refine.pdbx_stereochemistry_target_values       'PARKINSON ET AL.' 
_refine.pdbx_stereochem_target_val_spec_case     ? 
_refine.pdbx_R_Free_selection_details            RANDOM 
_refine.pdbx_overall_ESU_R                       ? 
_refine.pdbx_overall_ESU_R_Free                  ? 
_refine.overall_SU_ML                            ? 
_refine.overall_SU_B                             ? 
_refine.ls_redundancy_reflns_obs                 ? 
_refine.pdbx_refine_id                           'X-RAY DIFFRACTION' 
_refine.pdbx_diffrn_id                           1 
_refine.pdbx_TLS_residual_ADP_flag               ? 
_refine.correlation_coeff_Fo_to_Fc               ? 
_refine.correlation_coeff_Fo_to_Fc_free          ? 
_refine.pdbx_solvent_vdw_probe_radii             ? 
_refine.pdbx_solvent_ion_probe_radii             ? 
_refine.pdbx_solvent_shrinkage_radii             ? 
_refine.pdbx_overall_phase_error                 ? 
_refine.overall_SU_R_Cruickshank_DPI             ? 
_refine.pdbx_overall_SU_R_free_Cruickshank_DPI   ? 
_refine.pdbx_overall_SU_R_Blow_DPI               ? 
_refine.pdbx_overall_SU_R_free_Blow_DPI          ? 
# 
_refine_hist.pdbx_refine_id                   'X-RAY DIFFRACTION' 
_refine_hist.cycle_id                         LAST 
_refine_hist.pdbx_number_atoms_protein        0 
_refine_hist.pdbx_number_atoms_nucleic_acid   600 
_refine_hist.pdbx_number_atoms_ligand         21 
_refine_hist.number_atoms_solvent             16 
_refine_hist.number_atoms_total               637 
_refine_hist.d_res_high                       2.7 
_refine_hist.d_res_low                        8.0 
# 
loop_
_refine_ls_restr.type 
_refine_ls_restr.dev_ideal 
_refine_ls_restr.dev_ideal_target 
_refine_ls_restr.weight 
_refine_ls_restr.number 
_refine_ls_restr.pdbx_refine_id 
_refine_ls_restr.pdbx_restraint_function 
x_bond_d                0.006 ? ? ? 'X-RAY DIFFRACTION' ? 
x_bond_d_na             ?     ? ? ? 'X-RAY DIFFRACTION' ? 
x_bond_d_prot           ?     ? ? ? 'X-RAY DIFFRACTION' ? 
x_angle_d               ?     ? ? ? 'X-RAY DIFFRACTION' ? 
x_angle_d_na            ?     ? ? ? 'X-RAY DIFFRACTION' ? 
x_angle_d_prot          ?     ? ? ? 'X-RAY DIFFRACTION' ? 
x_angle_deg             1.0   ? ? ? 'X-RAY DIFFRACTION' ? 
x_angle_deg_na          ?     ? ? ? 'X-RAY DIFFRACTION' ? 
x_angle_deg_prot        ?     ? ? ? 'X-RAY DIFFRACTION' ? 
x_dihedral_angle_d      ?     ? ? ? 'X-RAY DIFFRACTION' ? 
x_dihedral_angle_d_na   ?     ? ? ? 'X-RAY DIFFRACTION' ? 
x_dihedral_angle_d_prot ?     ? ? ? 'X-RAY DIFFRACTION' ? 
x_improper_angle_d      ?     ? ? ? 'X-RAY DIFFRACTION' ? 
x_improper_angle_d_na   ?     ? ? ? 'X-RAY DIFFRACTION' ? 
x_improper_angle_d_prot ?     ? ? ? 'X-RAY DIFFRACTION' ? 
x_mcbond_it             ?     ? ? ? 'X-RAY DIFFRACTION' ? 
x_mcangle_it            ?     ? ? ? 'X-RAY DIFFRACTION' ? 
x_scbond_it             ?     ? ? ? 'X-RAY DIFFRACTION' ? 
x_scangle_it            ?     ? ? ? 'X-RAY DIFFRACTION' ? 
# 
_struct.entry_id                  1F6C 
_struct.title                     'CRYSTAL STRUCTURE OF THE B-DNA HEXAMER GGCGCC WITH SPERMINE' 
_struct.pdbx_model_details        ? 
_struct.pdbx_CASP_flag            ? 
_struct.pdbx_model_type_details   ? 
# 
_struct_keywords.entry_id        1F6C 
_struct_keywords.pdbx_keywords   DNA 
_struct_keywords.text            'B-DNA, E-DNA, DOUBLE HELIX, DNA' 
# 
loop_
_struct_asym.id 
_struct_asym.pdbx_blank_PDB_chainid_flag 
_struct_asym.pdbx_modified 
_struct_asym.entity_id 
_struct_asym.details 
A N N 1 ? 
B N N 1 ? 
C N N 1 ? 
D N N 1 ? 
E N N 1 ? 
F N N 2 ? 
G N N 2 ? 
H N N 3 ? 
I N N 3 ? 
J N N 3 ? 
# 
_struct_ref.id                         1 
_struct_ref.entity_id                  1 
_struct_ref.db_name                    PDB 
_struct_ref.db_code                    1F6C 
_struct_ref.pdbx_db_accession          1F6C 
_struct_ref.pdbx_db_isoform            ? 
_struct_ref.pdbx_seq_one_letter_code   ? 
_struct_ref.pdbx_align_begin           ? 
# 
loop_
_struct_ref_seq.align_id 
_struct_ref_seq.ref_id 
_struct_ref_seq.pdbx_PDB_id_code 
_struct_ref_seq.pdbx_strand_id 
_struct_ref_seq.seq_align_beg 
_struct_ref_seq.pdbx_seq_align_beg_ins_code 
_struct_ref_seq.seq_align_end 
_struct_ref_seq.pdbx_seq_align_end_ins_code 
_struct_ref_seq.pdbx_db_accession 
_struct_ref_seq.db_align_beg 
_struct_ref_seq.pdbx_db_align_beg_ins_code 
_struct_ref_seq.db_align_end 
_struct_ref_seq.pdbx_db_align_end_ins_code 
_struct_ref_seq.pdbx_auth_seq_align_beg 
_struct_ref_seq.pdbx_auth_seq_align_end 
1 1 1F6C A 1 ? 6 ? 1F6C 1  ? 6  ? 1  6  
2 1 1F6C B 1 ? 6 ? 1F6C 7  ? 12 ? 7  12 
3 1 1F6C C 1 ? 6 ? 1F6C 13 ? 18 ? 13 18 
4 1 1F6C D 1 ? 6 ? 1F6C 19 ? 24 ? 19 24 
5 1 1F6C E 1 ? 6 ? 1F6C 25 ? 30 ? 25 30 
# 
loop_
_pdbx_struct_assembly.id 
_pdbx_struct_assembly.details 
_pdbx_struct_assembly.method_details 
_pdbx_struct_assembly.oligomeric_details 
_pdbx_struct_assembly.oligomeric_count 
1 author_defined_assembly ? dimeric 2 
2 author_defined_assembly ? dimeric 2 
3 author_defined_assembly ? dimeric 2 
# 
loop_
_pdbx_struct_assembly_gen.assembly_id 
_pdbx_struct_assembly_gen.oper_expression 
_pdbx_struct_assembly_gen.asym_id_list 
1 1,2 A,H       
2 1   B,C,F,I,J 
3 1   D,E,G     
# 
loop_
_pdbx_struct_oper_list.id 
_pdbx_struct_oper_list.type 
_pdbx_struct_oper_list.name 
_pdbx_struct_oper_list.symmetry_operation 
_pdbx_struct_oper_list.matrix[1][1] 
_pdbx_struct_oper_list.matrix[1][2] 
_pdbx_struct_oper_list.matrix[1][3] 
_pdbx_struct_oper_list.vector[1] 
_pdbx_struct_oper_list.matrix[2][1] 
_pdbx_struct_oper_list.matrix[2][2] 
_pdbx_struct_oper_list.matrix[2][3] 
_pdbx_struct_oper_list.vector[2] 
_pdbx_struct_oper_list.matrix[3][1] 
_pdbx_struct_oper_list.matrix[3][2] 
_pdbx_struct_oper_list.matrix[3][3] 
_pdbx_struct_oper_list.vector[3] 
1 'identity operation'         1_555 x,y,z    1.0000000000 0.0000000000  0.0000000000 0.0000000000   0.0000000000  1.0000000000  0.0000000000  0.0000000000   0.0000000000 0.0000000000  1.0000000000  0.0000000000  
2 'crystal symmetry operation' 7_556 y,x,-z+1 0.7385506994 -0.4758434903 0.4776147373 -17.1355206465 -0.4758434903 -0.8697610445 -0.1307237480 -23.8308150230 0.4776147373 -0.1307237480 -0.8687896549 38.6320432928 
# 
loop_
_struct_biol.id 
1 
2 
3 
# 
loop_
_struct_conn.id 
_struct_conn.conn_type_id 
_struct_conn.pdbx_leaving_atom_flag 
_struct_conn.pdbx_PDB_id 
_struct_conn.ptnr1_label_asym_id 
_struct_conn.ptnr1_label_comp_id 
_struct_conn.ptnr1_label_seq_id 
_struct_conn.ptnr1_label_atom_id 
_struct_conn.pdbx_ptnr1_label_alt_id 
_struct_conn.pdbx_ptnr1_PDB_ins_code 
_struct_conn.pdbx_ptnr1_standard_comp_id 
_struct_conn.ptnr1_symmetry 
_struct_conn.ptnr2_label_asym_id 
_struct_conn.ptnr2_label_comp_id 
_struct_conn.ptnr2_label_seq_id 
_struct_conn.ptnr2_label_atom_id 
_struct_conn.pdbx_ptnr2_label_alt_id 
_struct_conn.pdbx_ptnr2_PDB_ins_code 
_struct_conn.ptnr1_auth_asym_id 
_struct_conn.ptnr1_auth_comp_id 
_struct_conn.ptnr1_auth_seq_id 
_struct_conn.ptnr2_auth_asym_id 
_struct_conn.ptnr2_auth_comp_id 
_struct_conn.ptnr2_auth_seq_id 
_struct_conn.ptnr2_symmetry 
_struct_conn.pdbx_ptnr3_label_atom_id 
_struct_conn.pdbx_ptnr3_label_seq_id 
_struct_conn.pdbx_ptnr3_label_comp_id 
_struct_conn.pdbx_ptnr3_label_asym_id 
_struct_conn.pdbx_ptnr3_label_alt_id 
_struct_conn.pdbx_ptnr3_PDB_ins_code 
_struct_conn.details 
_struct_conn.pdbx_dist_value 
_struct_conn.pdbx_value_order 
_struct_conn.pdbx_role 
covale1  covale none ? F SPM . C7 ? ? ? 1_555 F SPM . C7 ? ? B SPM 32 B SPM 32 7_466 ? ? ? ? ? ? ?            1.571 ? ? 
hydrog1  hydrog ?    ? B DG  1 N1 ? ? ? 1_555 C DC  6 N3 ? ? B DG  7  C DC  18 1_555 ? ? ? ? ? ? WATSON-CRICK ?     ? ? 
hydrog2  hydrog ?    ? B DG  1 N2 ? ? ? 1_555 C DC  6 O2 ? ? B DG  7  C DC  18 1_555 ? ? ? ? ? ? WATSON-CRICK ?     ? ? 
hydrog3  hydrog ?    ? B DG  1 O6 ? ? ? 1_555 C DC  6 N4 ? ? B DG  7  C DC  18 1_555 ? ? ? ? ? ? WATSON-CRICK ?     ? ? 
hydrog4  hydrog ?    ? B DG  2 N1 ? ? ? 1_555 C DC  5 N3 ? ? B DG  8  C DC  17 1_555 ? ? ? ? ? ? WATSON-CRICK ?     ? ? 
hydrog5  hydrog ?    ? B DG  2 N2 ? ? ? 1_555 C DC  5 O2 ? ? B DG  8  C DC  17 1_555 ? ? ? ? ? ? WATSON-CRICK ?     ? ? 
hydrog6  hydrog ?    ? B DG  2 O6 ? ? ? 1_555 C DC  5 N4 ? ? B DG  8  C DC  17 1_555 ? ? ? ? ? ? WATSON-CRICK ?     ? ? 
hydrog7  hydrog ?    ? B DC  3 N3 ? ? ? 1_555 C DG  4 N1 ? ? B DC  9  C DG  16 1_555 ? ? ? ? ? ? WATSON-CRICK ?     ? ? 
hydrog8  hydrog ?    ? B DC  3 N4 ? ? ? 1_555 C DG  4 O6 ? ? B DC  9  C DG  16 1_555 ? ? ? ? ? ? WATSON-CRICK ?     ? ? 
hydrog9  hydrog ?    ? B DC  3 O2 ? ? ? 1_555 C DG  4 N2 ? ? B DC  9  C DG  16 1_555 ? ? ? ? ? ? WATSON-CRICK ?     ? ? 
hydrog10 hydrog ?    ? B DG  4 N1 ? ? ? 1_555 C DC  3 N3 ? ? B DG  10 C DC  15 1_555 ? ? ? ? ? ? WATSON-CRICK ?     ? ? 
hydrog11 hydrog ?    ? B DG  4 N2 ? ? ? 1_555 C DC  3 O2 ? ? B DG  10 C DC  15 1_555 ? ? ? ? ? ? WATSON-CRICK ?     ? ? 
hydrog12 hydrog ?    ? B DG  4 O6 ? ? ? 1_555 C DC  3 N4 ? ? B DG  10 C DC  15 1_555 ? ? ? ? ? ? WATSON-CRICK ?     ? ? 
hydrog13 hydrog ?    ? B DC  5 N3 ? ? ? 1_555 C DG  2 N1 ? ? B DC  11 C DG  14 1_555 ? ? ? ? ? ? WATSON-CRICK ?     ? ? 
hydrog14 hydrog ?    ? B DC  5 N4 ? ? ? 1_555 C DG  2 O6 ? ? B DC  11 C DG  14 1_555 ? ? ? ? ? ? WATSON-CRICK ?     ? ? 
hydrog15 hydrog ?    ? B DC  5 O2 ? ? ? 1_555 C DG  2 N2 ? ? B DC  11 C DG  14 1_555 ? ? ? ? ? ? WATSON-CRICK ?     ? ? 
hydrog16 hydrog ?    ? B DC  6 N3 ? ? ? 1_555 C DG  1 N1 ? ? B DC  12 C DG  13 1_555 ? ? ? ? ? ? WATSON-CRICK ?     ? ? 
hydrog17 hydrog ?    ? B DC  6 N4 ? ? ? 1_555 C DG  1 O6 ? ? B DC  12 C DG  13 1_555 ? ? ? ? ? ? WATSON-CRICK ?     ? ? 
hydrog18 hydrog ?    ? B DC  6 O2 ? ? ? 1_555 C DG  1 N2 ? ? B DC  12 C DG  13 1_555 ? ? ? ? ? ? WATSON-CRICK ?     ? ? 
hydrog19 hydrog ?    ? D DG  1 N1 ? ? ? 1_555 E DC  6 N3 ? ? D DG  19 E DC  30 1_555 ? ? ? ? ? ? WATSON-CRICK ?     ? ? 
hydrog20 hydrog ?    ? D DG  1 N2 ? ? ? 1_555 E DC  6 O2 ? ? D DG  19 E DC  30 1_555 ? ? ? ? ? ? WATSON-CRICK ?     ? ? 
hydrog21 hydrog ?    ? D DG  1 O6 ? ? ? 1_555 E DC  6 N4 ? ? D DG  19 E DC  30 1_555 ? ? ? ? ? ? WATSON-CRICK ?     ? ? 
hydrog22 hydrog ?    ? D DG  2 N1 ? ? ? 1_555 E DC  5 N3 ? ? D DG  20 E DC  29 1_555 ? ? ? ? ? ? WATSON-CRICK ?     ? ? 
hydrog23 hydrog ?    ? D DG  2 N2 ? ? ? 1_555 E DC  5 O2 ? ? D DG  20 E DC  29 1_555 ? ? ? ? ? ? WATSON-CRICK ?     ? ? 
hydrog24 hydrog ?    ? D DG  2 O6 ? ? ? 1_555 E DC  5 N4 ? ? D DG  20 E DC  29 1_555 ? ? ? ? ? ? WATSON-CRICK ?     ? ? 
hydrog25 hydrog ?    ? D DC  3 N3 ? ? ? 1_555 E DG  4 N1 ? ? D DC  21 E DG  28 1_555 ? ? ? ? ? ? WATSON-CRICK ?     ? ? 
hydrog26 hydrog ?    ? D DC  3 N4 ? ? ? 1_555 E DG  4 O6 ? ? D DC  21 E DG  28 1_555 ? ? ? ? ? ? WATSON-CRICK ?     ? ? 
hydrog27 hydrog ?    ? D DC  3 O2 ? ? ? 1_555 E DG  4 N2 ? ? D DC  21 E DG  28 1_555 ? ? ? ? ? ? WATSON-CRICK ?     ? ? 
hydrog28 hydrog ?    ? D DG  4 N1 ? ? ? 1_555 E DC  3 N3 ? ? D DG  22 E DC  27 1_555 ? ? ? ? ? ? WATSON-CRICK ?     ? ? 
hydrog29 hydrog ?    ? D DG  4 N2 ? ? ? 1_555 E DC  3 O2 ? ? D DG  22 E DC  27 1_555 ? ? ? ? ? ? WATSON-CRICK ?     ? ? 
hydrog30 hydrog ?    ? D DG  4 O6 ? ? ? 1_555 E DC  3 N4 ? ? D DG  22 E DC  27 1_555 ? ? ? ? ? ? WATSON-CRICK ?     ? ? 
hydrog31 hydrog ?    ? D DC  5 N3 ? ? ? 1_555 E DG  2 N1 ? ? D DC  23 E DG  26 1_555 ? ? ? ? ? ? WATSON-CRICK ?     ? ? 
hydrog32 hydrog ?    ? D DC  5 N4 ? ? ? 1_555 E DG  2 O6 ? ? D DC  23 E DG  26 1_555 ? ? ? ? ? ? WATSON-CRICK ?     ? ? 
hydrog33 hydrog ?    ? D DC  5 O2 ? ? ? 1_555 E DG  2 N2 ? ? D DC  23 E DG  26 1_555 ? ? ? ? ? ? WATSON-CRICK ?     ? ? 
hydrog34 hydrog ?    ? D DC  6 N3 ? ? ? 1_555 E DG  1 N1 ? ? D DC  24 E DG  25 1_555 ? ? ? ? ? ? WATSON-CRICK ?     ? ? 
hydrog35 hydrog ?    ? D DC  6 N4 ? ? ? 1_555 E DG  1 O6 ? ? D DC  24 E DG  25 1_555 ? ? ? ? ? ? WATSON-CRICK ?     ? ? 
hydrog36 hydrog ?    ? D DC  6 O2 ? ? ? 1_555 E DG  1 N2 ? ? D DC  24 E DG  25 1_555 ? ? ? ? ? ? WATSON-CRICK ?     ? ? 
hydrog37 hydrog ?    ? A DG  1 N1 ? ? ? 1_555 A DC  6 N3 ? ? A DG  1  A DC  6  7_556 ? ? ? ? ? ? WATSON-CRICK ?     ? ? 
hydrog38 hydrog ?    ? A DG  1 N2 ? ? ? 1_555 A DC  6 O2 ? ? A DG  1  A DC  6  7_556 ? ? ? ? ? ? WATSON-CRICK ?     ? ? 
hydrog39 hydrog ?    ? A DG  1 O6 ? ? ? 1_555 A DC  6 N4 ? ? A DG  1  A DC  6  7_556 ? ? ? ? ? ? WATSON-CRICK ?     ? ? 
hydrog40 hydrog ?    ? A DG  2 N1 ? ? ? 1_555 A DC  5 N3 ? ? A DG  2  A DC  5  7_556 ? ? ? ? ? ? WATSON-CRICK ?     ? ? 
hydrog41 hydrog ?    ? A DG  2 N2 ? ? ? 1_555 A DC  5 O2 ? ? A DG  2  A DC  5  7_556 ? ? ? ? ? ? WATSON-CRICK ?     ? ? 
hydrog42 hydrog ?    ? A DG  2 O6 ? ? ? 1_555 A DC  5 N4 ? ? A DG  2  A DC  5  7_556 ? ? ? ? ? ? WATSON-CRICK ?     ? ? 
hydrog43 hydrog ?    ? A DC  3 N3 ? ? ? 1_555 A DG  4 N1 ? ? A DC  3  A DG  4  7_556 ? ? ? ? ? ? WATSON-CRICK ?     ? ? 
hydrog44 hydrog ?    ? A DC  3 N4 ? ? ? 1_555 A DG  4 O6 ? ? A DC  3  A DG  4  7_556 ? ? ? ? ? ? WATSON-CRICK ?     ? ? 
hydrog45 hydrog ?    ? A DC  3 O2 ? ? ? 1_555 A DG  4 N2 ? ? A DC  3  A DG  4  7_556 ? ? ? ? ? ? WATSON-CRICK ?     ? ? 
hydrog46 hydrog ?    ? A DG  4 N1 ? ? ? 1_555 A DC  3 N3 ? ? A DG  4  A DC  3  7_556 ? ? ? ? ? ? WATSON-CRICK ?     ? ? 
hydrog47 hydrog ?    ? A DG  4 N2 ? ? ? 1_555 A DC  3 O2 ? ? A DG  4  A DC  3  7_556 ? ? ? ? ? ? WATSON-CRICK ?     ? ? 
hydrog48 hydrog ?    ? A DG  4 O6 ? ? ? 1_555 A DC  3 N4 ? ? A DG  4  A DC  3  7_556 ? ? ? ? ? ? WATSON-CRICK ?     ? ? 
hydrog49 hydrog ?    ? A DC  5 N3 ? ? ? 1_555 A DG  2 N1 ? ? A DC  5  A DG  2  7_556 ? ? ? ? ? ? WATSON-CRICK ?     ? ? 
hydrog50 hydrog ?    ? A DC  5 N4 ? ? ? 1_555 A DG  2 O6 ? ? A DC  5  A DG  2  7_556 ? ? ? ? ? ? WATSON-CRICK ?     ? ? 
hydrog51 hydrog ?    ? A DC  5 O2 ? ? ? 1_555 A DG  2 N2 ? ? A DC  5  A DG  2  7_556 ? ? ? ? ? ? WATSON-CRICK ?     ? ? 
hydrog52 hydrog ?    ? A DC  6 N3 ? ? ? 1_555 A DG  1 N1 ? ? A DC  6  A DG  1  7_556 ? ? ? ? ? ? WATSON-CRICK ?     ? ? 
hydrog53 hydrog ?    ? A DC  6 N4 ? ? ? 1_555 A DG  1 O6 ? ? A DC  6  A DG  1  7_556 ? ? ? ? ? ? WATSON-CRICK ?     ? ? 
hydrog54 hydrog ?    ? A DC  6 O2 ? ? ? 1_555 A DG  1 N2 ? ? A DC  6  A DG  1  7_556 ? ? ? ? ? ? WATSON-CRICK ?     ? ? 
# 
loop_
_struct_conn_type.id 
_struct_conn_type.criteria 
_struct_conn_type.reference 
covale ? ? 
hydrog ? ? 
# 
loop_
_struct_site.id 
_struct_site.pdbx_evidence_code 
_struct_site.pdbx_auth_asym_id 
_struct_site.pdbx_auth_comp_id 
_struct_site.pdbx_auth_seq_id 
_struct_site.pdbx_auth_ins_code 
_struct_site.pdbx_num_residues 
_struct_site.details 
AC1 Software D SPM 31 ? 11 'BINDING SITE FOR RESIDUE SPM D 31' 
AC2 Software B SPM 32 ? 8  'BINDING SITE FOR RESIDUE SPM B 32' 
# 
loop_
_struct_site_gen.id 
_struct_site_gen.site_id 
_struct_site_gen.pdbx_num_res 
_struct_site_gen.label_comp_id 
_struct_site_gen.label_asym_id 
_struct_site_gen.label_seq_id 
_struct_site_gen.pdbx_auth_ins_code 
_struct_site_gen.auth_comp_id 
_struct_site_gen.auth_asym_id 
_struct_site_gen.auth_seq_id 
_struct_site_gen.label_atom_id 
_struct_site_gen.label_alt_id 
_struct_site_gen.symmetry 
_struct_site_gen.details 
1  AC1 11 DG  A 1 ? DG  A 1  . ? 7_556 ? 
2  AC1 11 DG  A 2 ? DG  A 2  . ? 7_556 ? 
3  AC1 11 DC  A 3 ? DC  A 3  . ? 1_555 ? 
4  AC1 11 DC  A 3 ? DC  A 3  . ? 7_556 ? 
5  AC1 11 DG  A 4 ? DG  A 4  . ? 1_555 ? 
6  AC1 11 HOH H . ? HOH A 34 . ? 1_555 ? 
7  AC1 11 DG  B 1 ? DG  B 7  . ? 4_454 ? 
8  AC1 11 DG  B 2 ? DG  B 8  . ? 4_454 ? 
9  AC1 11 DG  D 1 ? DG  D 19 . ? 1_555 ? 
10 AC1 11 DC  E 5 ? DC  E 29 . ? 1_555 ? 
11 AC1 11 DC  E 6 ? DC  E 30 . ? 1_555 ? 
12 AC2 8  DC  A 3 ? DC  A 3  . ? 3_555 ? 
13 AC2 8  DG  A 4 ? DG  A 4  . ? 3_555 ? 
14 AC2 8  DG  B 1 ? DG  B 7  . ? 7_466 ? 
15 AC2 8  DG  B 1 ? DG  B 7  . ? 1_555 ? 
16 AC2 8  DG  B 2 ? DG  B 8  . ? 1_555 ? 
17 AC2 8  DC  B 3 ? DC  B 9  . ? 1_555 ? 
18 AC2 8  HOH I . ? HOH B 44 . ? 1_555 ? 
19 AC2 8  DG  C 4 ? DG  C 16 . ? 1_555 ? 
# 
loop_
_chem_comp_atom.comp_id 
_chem_comp_atom.atom_id 
_chem_comp_atom.type_symbol 
_chem_comp_atom.pdbx_aromatic_flag 
_chem_comp_atom.pdbx_stereo_config 
_chem_comp_atom.pdbx_ordinal 
DC  OP3    O N N 1   
DC  P      P N N 2   
DC  OP1    O N N 3   
DC  OP2    O N N 4   
DC  "O5'"  O N N 5   
DC  "C5'"  C N N 6   
DC  "C4'"  C N R 7   
DC  "O4'"  O N N 8   
DC  "C3'"  C N S 9   
DC  "O3'"  O N N 10  
DC  "C2'"  C N N 11  
DC  "C1'"  C N R 12  
DC  N1     N N N 13  
DC  C2     C N N 14  
DC  O2     O N N 15  
DC  N3     N N N 16  
DC  C4     C N N 17  
DC  N4     N N N 18  
DC  C5     C N N 19  
DC  C6     C N N 20  
DC  HOP3   H N N 21  
DC  HOP2   H N N 22  
DC  "H5'"  H N N 23  
DC  "H5''" H N N 24  
DC  "H4'"  H N N 25  
DC  "H3'"  H N N 26  
DC  "HO3'" H N N 27  
DC  "H2'"  H N N 28  
DC  "H2''" H N N 29  
DC  "H1'"  H N N 30  
DC  H41    H N N 31  
DC  H42    H N N 32  
DC  H5     H N N 33  
DC  H6     H N N 34  
DG  OP3    O N N 35  
DG  P      P N N 36  
DG  OP1    O N N 37  
DG  OP2    O N N 38  
DG  "O5'"  O N N 39  
DG  "C5'"  C N N 40  
DG  "C4'"  C N R 41  
DG  "O4'"  O N N 42  
DG  "C3'"  C N S 43  
DG  "O3'"  O N N 44  
DG  "C2'"  C N N 45  
DG  "C1'"  C N R 46  
DG  N9     N Y N 47  
DG  C8     C Y N 48  
DG  N7     N Y N 49  
DG  C5     C Y N 50  
DG  C6     C N N 51  
DG  O6     O N N 52  
DG  N1     N N N 53  
DG  C2     C N N 54  
DG  N2     N N N 55  
DG  N3     N N N 56  
DG  C4     C Y N 57  
DG  HOP3   H N N 58  
DG  HOP2   H N N 59  
DG  "H5'"  H N N 60  
DG  "H5''" H N N 61  
DG  "H4'"  H N N 62  
DG  "H3'"  H N N 63  
DG  "HO3'" H N N 64  
DG  "H2'"  H N N 65  
DG  "H2''" H N N 66  
DG  "H1'"  H N N 67  
DG  H8     H N N 68  
DG  H1     H N N 69  
DG  H21    H N N 70  
DG  H22    H N N 71  
HOH O      O N N 72  
HOH H1     H N N 73  
HOH H2     H N N 74  
SPM N1     N N N 75  
SPM C2     C N N 76  
SPM C3     C N N 77  
SPM C4     C N N 78  
SPM N5     N N N 79  
SPM C6     C N N 80  
SPM C7     C N N 81  
SPM C8     C N N 82  
SPM C9     C N N 83  
SPM N10    N N N 84  
SPM C11    C N N 85  
SPM C12    C N N 86  
SPM C13    C N N 87  
SPM N14    N N N 88  
SPM HN11   H N N 89  
SPM HN12   H N N 90  
SPM H21    H N N 91  
SPM H22    H N N 92  
SPM H31    H N N 93  
SPM H32    H N N 94  
SPM H41    H N N 95  
SPM H42    H N N 96  
SPM HN5    H N N 97  
SPM H61    H N N 98  
SPM H62    H N N 99  
SPM H71    H N N 100 
SPM H72    H N N 101 
SPM H81    H N N 102 
SPM H82    H N N 103 
SPM H91    H N N 104 
SPM H92    H N N 105 
SPM HN0    H N N 106 
SPM H111   H N N 107 
SPM H112   H N N 108 
SPM H121   H N N 109 
SPM H122   H N N 110 
SPM H131   H N N 111 
SPM H132   H N N 112 
SPM HN41   H N N 113 
SPM HN42   H N N 114 
# 
loop_
_chem_comp_bond.comp_id 
_chem_comp_bond.atom_id_1 
_chem_comp_bond.atom_id_2 
_chem_comp_bond.value_order 
_chem_comp_bond.pdbx_aromatic_flag 
_chem_comp_bond.pdbx_stereo_config 
_chem_comp_bond.pdbx_ordinal 
DC  OP3   P      sing N N 1   
DC  OP3   HOP3   sing N N 2   
DC  P     OP1    doub N N 3   
DC  P     OP2    sing N N 4   
DC  P     "O5'"  sing N N 5   
DC  OP2   HOP2   sing N N 6   
DC  "O5'" "C5'"  sing N N 7   
DC  "C5'" "C4'"  sing N N 8   
DC  "C5'" "H5'"  sing N N 9   
DC  "C5'" "H5''" sing N N 10  
DC  "C4'" "O4'"  sing N N 11  
DC  "C4'" "C3'"  sing N N 12  
DC  "C4'" "H4'"  sing N N 13  
DC  "O4'" "C1'"  sing N N 14  
DC  "C3'" "O3'"  sing N N 15  
DC  "C3'" "C2'"  sing N N 16  
DC  "C3'" "H3'"  sing N N 17  
DC  "O3'" "HO3'" sing N N 18  
DC  "C2'" "C1'"  sing N N 19  
DC  "C2'" "H2'"  sing N N 20  
DC  "C2'" "H2''" sing N N 21  
DC  "C1'" N1     sing N N 22  
DC  "C1'" "H1'"  sing N N 23  
DC  N1    C2     sing N N 24  
DC  N1    C6     sing N N 25  
DC  C2    O2     doub N N 26  
DC  C2    N3     sing N N 27  
DC  N3    C4     doub N N 28  
DC  C4    N4     sing N N 29  
DC  C4    C5     sing N N 30  
DC  N4    H41    sing N N 31  
DC  N4    H42    sing N N 32  
DC  C5    C6     doub N N 33  
DC  C5    H5     sing N N 34  
DC  C6    H6     sing N N 35  
DG  OP3   P      sing N N 36  
DG  OP3   HOP3   sing N N 37  
DG  P     OP1    doub N N 38  
DG  P     OP2    sing N N 39  
DG  P     "O5'"  sing N N 40  
DG  OP2   HOP2   sing N N 41  
DG  "O5'" "C5'"  sing N N 42  
DG  "C5'" "C4'"  sing N N 43  
DG  "C5'" "H5'"  sing N N 44  
DG  "C5'" "H5''" sing N N 45  
DG  "C4'" "O4'"  sing N N 46  
DG  "C4'" "C3'"  sing N N 47  
DG  "C4'" "H4'"  sing N N 48  
DG  "O4'" "C1'"  sing N N 49  
DG  "C3'" "O3'"  sing N N 50  
DG  "C3'" "C2'"  sing N N 51  
DG  "C3'" "H3'"  sing N N 52  
DG  "O3'" "HO3'" sing N N 53  
DG  "C2'" "C1'"  sing N N 54  
DG  "C2'" "H2'"  sing N N 55  
DG  "C2'" "H2''" sing N N 56  
DG  "C1'" N9     sing N N 57  
DG  "C1'" "H1'"  sing N N 58  
DG  N9    C8     sing Y N 59  
DG  N9    C4     sing Y N 60  
DG  C8    N7     doub Y N 61  
DG  C8    H8     sing N N 62  
DG  N7    C5     sing Y N 63  
DG  C5    C6     sing N N 64  
DG  C5    C4     doub Y N 65  
DG  C6    O6     doub N N 66  
DG  C6    N1     sing N N 67  
DG  N1    C2     sing N N 68  
DG  N1    H1     sing N N 69  
DG  C2    N2     sing N N 70  
DG  C2    N3     doub N N 71  
DG  N2    H21    sing N N 72  
DG  N2    H22    sing N N 73  
DG  N3    C4     sing N N 74  
HOH O     H1     sing N N 75  
HOH O     H2     sing N N 76  
SPM N1    C2     sing N N 77  
SPM N1    HN11   sing N N 78  
SPM N1    HN12   sing N N 79  
SPM C2    C3     sing N N 80  
SPM C2    H21    sing N N 81  
SPM C2    H22    sing N N 82  
SPM C3    C4     sing N N 83  
SPM C3    H31    sing N N 84  
SPM C3    H32    sing N N 85  
SPM C4    N5     sing N N 86  
SPM C4    H41    sing N N 87  
SPM C4    H42    sing N N 88  
SPM N5    C6     sing N N 89  
SPM N5    HN5    sing N N 90  
SPM C6    C7     sing N N 91  
SPM C6    H61    sing N N 92  
SPM C6    H62    sing N N 93  
SPM C7    C8     sing N N 94  
SPM C7    H71    sing N N 95  
SPM C7    H72    sing N N 96  
SPM C8    C9     sing N N 97  
SPM C8    H81    sing N N 98  
SPM C8    H82    sing N N 99  
SPM C9    N10    sing N N 100 
SPM C9    H91    sing N N 101 
SPM C9    H92    sing N N 102 
SPM N10   C11    sing N N 103 
SPM N10   HN0    sing N N 104 
SPM C11   C12    sing N N 105 
SPM C11   H111   sing N N 106 
SPM C11   H112   sing N N 107 
SPM C12   C13    sing N N 108 
SPM C12   H121   sing N N 109 
SPM C12   H122   sing N N 110 
SPM C13   N14    sing N N 111 
SPM C13   H131   sing N N 112 
SPM C13   H132   sing N N 113 
SPM N14   HN41   sing N N 114 
SPM N14   HN42   sing N N 115 
# 
loop_
_ndb_struct_conf_na.entry_id 
_ndb_struct_conf_na.feature 
1F6C 'double helix'        
1F6C 'b-form double helix' 
# 
loop_
_ndb_struct_na_base_pair.model_number 
_ndb_struct_na_base_pair.i_label_asym_id 
_ndb_struct_na_base_pair.i_label_comp_id 
_ndb_struct_na_base_pair.i_label_seq_id 
_ndb_struct_na_base_pair.i_symmetry 
_ndb_struct_na_base_pair.j_label_asym_id 
_ndb_struct_na_base_pair.j_label_comp_id 
_ndb_struct_na_base_pair.j_label_seq_id 
_ndb_struct_na_base_pair.j_symmetry 
_ndb_struct_na_base_pair.shear 
_ndb_struct_na_base_pair.stretch 
_ndb_struct_na_base_pair.stagger 
_ndb_struct_na_base_pair.buckle 
_ndb_struct_na_base_pair.propeller 
_ndb_struct_na_base_pair.opening 
_ndb_struct_na_base_pair.pair_number 
_ndb_struct_na_base_pair.pair_name 
_ndb_struct_na_base_pair.i_auth_asym_id 
_ndb_struct_na_base_pair.i_auth_seq_id 
_ndb_struct_na_base_pair.i_PDB_ins_code 
_ndb_struct_na_base_pair.j_auth_asym_id 
_ndb_struct_na_base_pair.j_auth_seq_id 
_ndb_struct_na_base_pair.j_PDB_ins_code 
_ndb_struct_na_base_pair.hbond_type_28 
_ndb_struct_na_base_pair.hbond_type_12 
1 B DG 1 1_555 C DC 6 1_555 0.076  -0.138 0.163  1.543  -4.144  -1.820 1  B_DG7:DC18_C  B 7  ? C 18 ? 19 1 
1 B DG 2 1_555 C DC 5 1_555 0.582  -0.186 0.108  -0.211 -4.869  -1.725 2  B_DG8:DC17_C  B 8  ? C 17 ? 19 1 
1 B DC 3 1_555 C DG 4 1_555 0.457  -0.447 0.093  1.601  -5.984  4.576  3  B_DC9:DG16_C  B 9  ? C 16 ? 19 1 
1 B DG 4 1_555 C DC 3 1_555 0.461  -0.514 -0.342 -2.533 -11.745 3.918  4  B_DG10:DC15_C B 10 ? C 15 ? 19 1 
1 B DC 5 1_555 C DG 2 1_555 -0.299 -0.534 0.186  -4.650 -4.573  -4.387 5  B_DC11:DG14_C B 11 ? C 14 ? 19 1 
1 B DC 6 1_555 C DG 1 1_555 -0.232 -0.332 0.176  -1.597 2.752   0.300  6  B_DC12:DG13_C B 12 ? C 13 ? 19 1 
1 E DG 1 1_555 D DC 6 1_555 -0.962 -0.640 0.255  1.794  -5.826  -0.573 7  E_DG25:DC24_D E 25 ? D 24 ? 19 1 
1 E DG 2 1_555 D DC 5 1_555 -0.614 -0.183 0.247  5.111  2.409   -2.208 8  E_DG26:DC23_D E 26 ? D 23 ? 19 1 
1 E DC 3 1_555 D DG 4 1_555 0.290  -0.209 0.085  2.526  -8.369  -6.676 9  E_DC27:DG22_D E 27 ? D 22 ? 19 1 
1 E DG 4 1_555 D DC 3 1_555 1.026  -0.420 0.103  -5.506 -4.485  -6.549 10 E_DG28:DC21_D E 28 ? D 21 ? 19 1 
1 E DC 5 1_555 D DG 2 1_555 0.819  -0.673 0.232  1.558  -2.965  1.474  11 E_DC29:DG20_D E 29 ? D 20 ? 19 1 
1 E DC 6 1_555 D DG 1 1_555 0.747  -0.590 0.335  -6.280 -3.817  4.322  12 E_DC30:DG19_D E 30 ? D 19 ? 19 1 
1 A DG 1 1_555 A DC 6 7_556 -0.423 -0.470 -0.156 1.108  5.423   -3.407 13 A_DG1:DC6_A   A 1  ? A 6  ? 19 1 
1 A DG 2 1_555 A DC 5 7_556 0.175  -0.418 -0.291 -9.666 -7.442  -1.629 14 A_DG2:DC5_A   A 2  ? A 5  ? 19 1 
1 A DC 3 1_555 A DG 4 7_556 0.434  -0.315 -0.184 0.180  -7.389  2.339  15 A_DC3:DG4_A   A 3  ? A 4  ? 19 1 
1 A DG 4 1_555 A DC 3 7_556 -0.434 -0.315 -0.184 -0.180 -7.389  2.339  16 A_DG4:DC3_A   A 4  ? A 3  ? 19 1 
1 A DC 5 1_555 A DG 2 7_556 -0.175 -0.418 -0.291 9.666  -7.442  -1.629 17 A_DC5:DG2_A   A 5  ? A 2  ? 19 1 
1 A DC 6 1_555 A DG 1 7_556 0.423  -0.470 -0.156 -1.108 5.423   -3.407 18 A_DC6:DG1_A   A 6  ? A 1  ? 19 1 
# 
loop_
_ndb_struct_na_base_pair_step.model_number 
_ndb_struct_na_base_pair_step.i_label_asym_id_1 
_ndb_struct_na_base_pair_step.i_label_comp_id_1 
_ndb_struct_na_base_pair_step.i_label_seq_id_1 
_ndb_struct_na_base_pair_step.i_symmetry_1 
_ndb_struct_na_base_pair_step.j_label_asym_id_1 
_ndb_struct_na_base_pair_step.j_label_comp_id_1 
_ndb_struct_na_base_pair_step.j_label_seq_id_1 
_ndb_struct_na_base_pair_step.j_symmetry_1 
_ndb_struct_na_base_pair_step.i_label_asym_id_2 
_ndb_struct_na_base_pair_step.i_label_comp_id_2 
_ndb_struct_na_base_pair_step.i_label_seq_id_2 
_ndb_struct_na_base_pair_step.i_symmetry_2 
_ndb_struct_na_base_pair_step.j_label_asym_id_2 
_ndb_struct_na_base_pair_step.j_label_comp_id_2 
_ndb_struct_na_base_pair_step.j_label_seq_id_2 
_ndb_struct_na_base_pair_step.j_symmetry_2 
_ndb_struct_na_base_pair_step.shift 
_ndb_struct_na_base_pair_step.slide 
_ndb_struct_na_base_pair_step.rise 
_ndb_struct_na_base_pair_step.tilt 
_ndb_struct_na_base_pair_step.roll 
_ndb_struct_na_base_pair_step.twist 
_ndb_struct_na_base_pair_step.x_displacement 
_ndb_struct_na_base_pair_step.y_displacement 
_ndb_struct_na_base_pair_step.helical_rise 
_ndb_struct_na_base_pair_step.inclination 
_ndb_struct_na_base_pair_step.tip 
_ndb_struct_na_base_pair_step.helical_twist 
_ndb_struct_na_base_pair_step.step_number 
_ndb_struct_na_base_pair_step.step_name 
_ndb_struct_na_base_pair_step.i_auth_asym_id_1 
_ndb_struct_na_base_pair_step.i_auth_seq_id_1 
_ndb_struct_na_base_pair_step.i_PDB_ins_code_1 
_ndb_struct_na_base_pair_step.j_auth_asym_id_1 
_ndb_struct_na_base_pair_step.j_auth_seq_id_1 
_ndb_struct_na_base_pair_step.j_PDB_ins_code_1 
_ndb_struct_na_base_pair_step.i_auth_asym_id_2 
_ndb_struct_na_base_pair_step.i_auth_seq_id_2 
_ndb_struct_na_base_pair_step.i_PDB_ins_code_2 
_ndb_struct_na_base_pair_step.j_auth_asym_id_2 
_ndb_struct_na_base_pair_step.j_auth_seq_id_2 
_ndb_struct_na_base_pair_step.j_PDB_ins_code_2 
1 B DG 1 1_555 C DC 6 1_555 B DG 2 1_555 C DC 5 1_555 -0.393 -0.313 3.562 0.380  -1.316 35.011  -0.304 0.715  3.566 -2.187 -0.631 
35.037  1  BB_DG7DG8:DC17DC18_CC   B 7  ? C 18 ? B 8  ? C 17 ? 
1 B DG 2 1_555 C DC 5 1_555 B DC 3 1_555 C DG 4 1_555 1.057  -0.209 3.266 3.348  3.245  36.249  -0.785 -1.220 3.317 5.189  -5.354 
36.537  2  BB_DG8DC9:DG16DC17_CC   B 8  ? C 17 ? B 9  ? C 16 ? 
1 B DC 3 1_555 C DG 4 1_555 B DG 4 1_555 C DC 3 1_555 -0.671 0.578  3.510 1.867  7.482  31.601  -0.393 1.554  3.507 13.488 -3.366 
32.505  3  BB_DC9DG10:DC15DG16_CC  B 9  ? C 16 ? B 10 ? C 15 ? 
1 B DG 4 1_555 C DC 3 1_555 B DC 5 1_555 C DG 2 1_555 -0.502 -0.234 3.365 -6.285 3.090  32.064  -0.967 -0.235 3.364 5.512  11.212 
32.801  4  BB_DG10DC11:DG14DC15_CC B 10 ? C 15 ? B 11 ? C 14 ? 
1 B DC 5 1_555 C DG 2 1_555 B DC 6 1_555 C DG 1 1_555 0.866  -0.237 3.261 -0.836 3.336  34.301  -0.913 -1.590 3.203 5.638  1.413  
34.468  5  BB_DC11DC12:DG13DG14_CC B 11 ? C 14 ? B 12 ? C 13 ? 
1 B DC 6 1_555 C DG 1 1_555 E DG 1 1_555 D DC 6 1_555 -0.186 0.290  3.392 1.783  0.616  -27.166 -0.776 0.069  3.389 -1.310 3.791  
-27.230 6  BE_DC12DG25:DC24DG13_DC B 12 ? C 13 ? E 25 ? D 24 ? 
1 E DG 1 1_555 D DC 6 1_555 E DG 2 1_555 D DC 5 1_555 -0.622 -0.796 3.416 -2.406 -1.558 32.437  -1.132 0.667  3.486 -2.783 4.296  
32.560  7  EE_DG25DG26:DC23DC24_DD E 25 ? D 24 ? E 26 ? D 23 ? 
1 E DG 2 1_555 D DC 5 1_555 E DC 3 1_555 D DG 4 1_555 0.335  -0.481 3.390 2.699  2.440  41.271  -0.950 -0.175 3.372 3.453  -3.820 
41.424  8  EE_DG26DC27:DG22DC23_DD E 26 ? D 23 ? E 27 ? D 22 ? 
1 E DC 3 1_555 D DG 4 1_555 E DG 4 1_555 D DC 3 1_555 -0.113 0.886  3.535 -0.448 4.005  39.556  0.794  0.109  3.606 5.899  0.661  
39.752  9  EE_DC27DG28:DC21DG22_DD E 27 ? D 22 ? E 28 ? D 21 ? 
1 E DG 4 1_555 D DC 3 1_555 E DC 5 1_555 D DG 2 1_555 0.706  -1.253 3.335 -0.018 -0.457 30.729  -2.273 -1.335 3.353 -0.862 0.033  
30.732  10 EE_DG28DC29:DG20DC21_DD E 28 ? D 21 ? E 29 ? D 20 ? 
1 E DC 5 1_555 D DG 2 1_555 E DC 6 1_555 D DG 1 1_555 0.848  -0.160 3.502 1.482  1.312  34.984  -0.478 -1.169 3.526 2.181  -2.462 
35.038  11 EE_DC29DC30:DG19DG20_DD E 29 ? D 20 ? E 30 ? D 19 ? 
1 A DG 1 1_555 A DC 6 7_556 A DG 2 1_555 A DC 5 7_556 -0.552 -0.455 3.798 0.916  1.140  34.241  -0.979 1.104  3.766 1.935  -1.555 
34.272  12 AA_DG1DG2:DC5DC6_AA     A 1  ? A 6  ? A 2  ? A 5  ? 
1 A DG 2 1_555 A DC 5 7_556 A DC 3 1_555 A DG 4 7_556 -0.598 -0.319 3.068 -0.873 5.007  32.949  -1.334 0.908  3.003 8.762  1.528  
33.328  13 AA_DG2DC3:DG4DC5_AA     A 2  ? A 5  ? A 3  ? A 4  ? 
1 A DC 3 1_555 A DG 4 7_556 A DG 4 1_555 A DC 3 7_556 0.000  0.142  3.479 0.000  8.823  27.348  -1.842 0.000  3.360 18.073 0.000  
28.710  14 AA_DC3DG4:DC3DG4_AA     A 3  ? A 4  ? A 4  ? A 3  ? 
1 A DG 4 1_555 A DC 3 7_556 A DC 5 1_555 A DG 2 7_556 0.598  -0.319 3.068 0.873  5.007  32.949  -1.334 -0.908 3.003 8.762  -1.528 
33.328  15 AA_DG4DC5:DG2DC3_AA     A 4  ? A 3  ? A 5  ? A 2  ? 
1 A DC 5 1_555 A DG 2 7_556 A DC 6 1_555 A DG 1 7_556 0.552  -0.455 3.798 -0.916 1.140  34.241  -0.979 -1.104 3.766 1.935  1.555  
34.272  16 AA_DC5DC6:DG1DG2_AA     A 5  ? A 2  ? A 6  ? A 1  ? 
# 
_atom_sites.entry_id                    1F6C 
_atom_sites.fract_transf_matrix[1][1]   0.00570273 
_atom_sites.fract_transf_matrix[1][2]   -0.00767110 
_atom_sites.fract_transf_matrix[1][3]   0.01020986 
_atom_sites.fract_transf_matrix[2][1]   0.01273838 
_atom_sites.fract_transf_matrix[2][2]   0.00262375 
_atom_sites.fract_transf_matrix[2][3]   -0.00514371 
_atom_sites.fract_transf_matrix[3][1]   0.00108622 
_atom_sites.fract_transf_matrix[3][2]   0.01366494 
_atom_sites.fract_transf_matrix[3][3]   0.00966035 
_atom_sites.fract_transf_vector[1]      0.227035 
_atom_sites.fract_transf_vector[2]      0.706552 
_atom_sites.fract_transf_vector[3]      0.485528 
# 
loop_
_atom_type.symbol 
C 
N 
O 
P 
# 
loop_
_atom_site.group_PDB 
_atom_site.id 
_atom_site.type_symbol 
_atom_site.label_atom_id 
_atom_site.label_alt_id 
_atom_site.label_comp_id 
_atom_site.label_asym_id 
_atom_site.label_entity_id 
_atom_site.label_seq_id 
_atom_site.pdbx_PDB_ins_code 
_atom_site.Cartn_x 
_atom_site.Cartn_y 
_atom_site.Cartn_z 
_atom_site.occupancy 
_atom_site.B_iso_or_equiv 
_atom_site.pdbx_formal_charge 
_atom_site.auth_seq_id 
_atom_site.auth_comp_id 
_atom_site.auth_asym_id 
_atom_site.auth_atom_id 
_atom_site.pdbx_PDB_model_num 
ATOM   1   O "O5'" . DG  A 1 1 ? -6.047  -20.600 27.161  1.00 52.12 ? 1  DG  A "O5'" 1 
ATOM   2   C "C5'" . DG  A 1 1 ? -5.758  -20.045 25.855  1.00 38.63 ? 1  DG  A "C5'" 1 
ATOM   3   C "C4'" . DG  A 1 1 ? -6.712  -20.558 24.802  1.00 26.63 ? 1  DG  A "C4'" 1 
ATOM   4   O "O4'" . DG  A 1 1 ? -8.054  -20.131 25.103  1.00 22.97 ? 1  DG  A "O4'" 1 
ATOM   5   C "C3'" . DG  A 1 1 ? -6.439  -20.078 23.386  1.00 27.71 ? 1  DG  A "C3'" 1 
ATOM   6   O "O3'" . DG  A 1 1 ? -6.894  -21.095 22.490  1.00 33.46 ? 1  DG  A "O3'" 1 
ATOM   7   C "C2'" . DG  A 1 1 ? -7.345  -18.872 23.261  1.00 15.42 ? 1  DG  A "C2'" 1 
ATOM   8   C "C1'" . DG  A 1 1 ? -8.544  -19.271 24.092  1.00 8.59  ? 1  DG  A "C1'" 1 
ATOM   9   N N9    . DG  A 1 1 ? -9.168  -18.148 24.762  1.00 7.47  ? 1  DG  A N9    1 
ATOM   10  C C8    . DG  A 1 1 ? -8.552  -17.274 25.610  1.00 2.00  ? 1  DG  A C8    1 
ATOM   11  N N7    . DG  A 1 1 ? -9.364  -16.382 26.091  1.00 8.08  ? 1  DG  A N7    1 
ATOM   12  C C5    . DG  A 1 1 ? -10.583 -16.687 25.523  1.00 2.68  ? 1  DG  A C5    1 
ATOM   13  C C6    . DG  A 1 1 ? -11.835 -16.060 25.674  1.00 14.47 ? 1  DG  A C6    1 
ATOM   14  O O6    . DG  A 1 1 ? -12.125 -15.086 26.373  1.00 23.36 ? 1  DG  A O6    1 
ATOM   15  N N1    . DG  A 1 1 ? -12.817 -16.685 24.913  1.00 10.93 ? 1  DG  A N1    1 
ATOM   16  C C2    . DG  A 1 1 ? -12.607 -17.777 24.115  1.00 19.58 ? 1  DG  A C2    1 
ATOM   17  N N2    . DG  A 1 1 ? -13.685 -18.245 23.468  1.00 19.29 ? 1  DG  A N2    1 
ATOM   18  N N3    . DG  A 1 1 ? -11.431 -18.371 23.966  1.00 16.46 ? 1  DG  A N3    1 
ATOM   19  C C4    . DG  A 1 1 ? -10.474 -17.772 24.696  1.00 5.86  ? 1  DG  A C4    1 
ATOM   20  P P     . DG  A 1 2 ? -6.753  -20.869 20.919  1.00 35.60 ? 2  DG  A P     1 
ATOM   21  O OP1   . DG  A 1 2 ? -6.340  -22.160 20.334  1.00 49.03 ? 2  DG  A OP1   1 
ATOM   22  O OP2   . DG  A 1 2 ? -5.900  -19.672 20.746  1.00 41.85 ? 2  DG  A OP2   1 
ATOM   23  O "O5'" . DG  A 1 2 ? -8.236  -20.551 20.448  1.00 26.55 ? 2  DG  A "O5'" 1 
ATOM   24  C "C5'" . DG  A 1 2 ? -9.298  -21.416 20.831  1.00 27.92 ? 2  DG  A "C5'" 1 
ATOM   25  C "C4'" . DG  A 1 2 ? -10.574 -20.991 20.147  1.00 30.69 ? 2  DG  A "C4'" 1 
ATOM   26  O "O4'" . DG  A 1 2 ? -11.131 -19.834 20.799  1.00 31.93 ? 2  DG  A "O4'" 1 
ATOM   27  C "C3'" . DG  A 1 2 ? -10.367 -20.586 18.693  1.00 30.20 ? 2  DG  A "C3'" 1 
ATOM   28  O "O3'" . DG  A 1 2 ? -11.586 -20.863 17.989  1.00 33.38 ? 2  DG  A "O3'" 1 
ATOM   29  C "C2'" . DG  A 1 2 ? -10.185 -19.087 18.800  1.00 25.81 ? 2  DG  A "C2'" 1 
ATOM   30  C "C1'" . DG  A 1 2 ? -11.182 -18.751 19.890  1.00 20.71 ? 2  DG  A "C1'" 1 
ATOM   31  N N9    . DG  A 1 2 ? -10.887 -17.538 20.637  1.00 20.72 ? 2  DG  A N9    1 
ATOM   32  C C8    . DG  A 1 2 ? -9.676  -17.158 21.161  1.00 18.70 ? 2  DG  A C8    1 
ATOM   33  N N7    . DG  A 1 2 ? -9.742  -16.037 21.818  1.00 20.42 ? 2  DG  A N7    1 
ATOM   34  C C5    . DG  A 1 2 ? -11.069 -15.649 21.702  1.00 12.19 ? 2  DG  A C5    1 
ATOM   35  C C6    . DG  A 1 2 ? -11.725 -14.517 22.192  1.00 14.03 ? 2  DG  A C6    1 
ATOM   36  O O6    . DG  A 1 2 ? -11.251 -13.580 22.834  1.00 28.11 ? 2  DG  A O6    1 
ATOM   37  N N1    . DG  A 1 2 ? -13.076 -14.521 21.859  1.00 9.51  ? 2  DG  A N1    1 
ATOM   38  C C2    . DG  A 1 2 ? -13.699 -15.493 21.130  1.00 6.76  ? 2  DG  A C2    1 
ATOM   39  N N2    . DG  A 1 2 ? -15.006 -15.337 20.927  1.00 8.95  ? 2  DG  A N2    1 
ATOM   40  N N3    . DG  A 1 2 ? -13.086 -16.546 20.644  1.00 12.71 ? 2  DG  A N3    1 
ATOM   41  C C4    . DG  A 1 2 ? -11.782 -16.564 20.974  1.00 14.88 ? 2  DG  A C4    1 
ATOM   42  P P     . DC  A 1 3 ? -11.549 -21.164 16.415  1.00 32.63 ? 3  DC  A P     1 
ATOM   43  O OP1   . DC  A 1 3 ? -11.824 -22.615 16.216  1.00 32.48 ? 3  DC  A OP1   1 
ATOM   44  O OP2   . DC  A 1 3 ? -10.318 -20.547 15.858  1.00 32.03 ? 3  DC  A OP2   1 
ATOM   45  O "O5'" . DC  A 1 3 ? -12.774 -20.314 15.887  1.00 30.38 ? 3  DC  A "O5'" 1 
ATOM   46  C "C5'" . DC  A 1 3 ? -13.089 -19.090 16.529  1.00 20.68 ? 3  DC  A "C5'" 1 
ATOM   47  C "C4'" . DC  A 1 3 ? -14.248 -18.425 15.834  1.00 14.46 ? 3  DC  A "C4'" 1 
ATOM   48  O "O4'" . DC  A 1 3 ? -14.544 -17.255 16.613  1.00 20.83 ? 3  DC  A "O4'" 1 
ATOM   49  C "C3'" . DC  A 1 3 ? -13.886 -17.931 14.445  1.00 17.02 ? 3  DC  A "C3'" 1 
ATOM   50  O "O3'" . DC  A 1 3 ? -15.033 -17.971 13.600  1.00 23.02 ? 3  DC  A "O3'" 1 
ATOM   51  C "C2'" . DC  A 1 3 ? -13.427 -16.507 14.678  1.00 20.97 ? 3  DC  A "C2'" 1 
ATOM   52  C "C1'" . DC  A 1 3 ? -14.071 -16.082 15.986  1.00 15.12 ? 3  DC  A "C1'" 1 
ATOM   53  N N1    . DC  A 1 3 ? -13.119 -15.439 16.901  1.00 11.31 ? 3  DC  A N1    1 
ATOM   54  C C2    . DC  A 1 3 ? -13.536 -14.354 17.667  1.00 13.34 ? 3  DC  A C2    1 
ATOM   55  O O2    . DC  A 1 3 ? -14.720 -14.026 17.641  1.00 17.23 ? 3  DC  A O2    1 
ATOM   56  N N3    . DC  A 1 3 ? -12.640 -13.696 18.426  1.00 14.22 ? 3  DC  A N3    1 
ATOM   57  C C4    . DC  A 1 3 ? -11.372 -14.097 18.454  1.00 15.90 ? 3  DC  A C4    1 
ATOM   58  N N4    . DC  A 1 3 ? -10.509 -13.380 19.171  1.00 19.85 ? 3  DC  A N4    1 
ATOM   59  C C5    . DC  A 1 3 ? -10.931 -15.241 17.736  1.00 21.92 ? 3  DC  A C5    1 
ATOM   60  C C6    . DC  A 1 3 ? -11.832 -15.878 16.979  1.00 16.03 ? 3  DC  A C6    1 
ATOM   61  P P     . DG  A 1 4 ? -14.931 -17.430 12.093  1.00 32.83 ? 4  DG  A P     1 
ATOM   62  O OP1   . DG  A 1 4 ? -15.987 -18.157 11.353  1.00 36.59 ? 4  DG  A OP1   1 
ATOM   63  O OP2   . DG  A 1 4 ? -13.533 -17.455 11.591  1.00 12.80 ? 4  DG  A OP2   1 
ATOM   64  O "O5'" . DG  A 1 4 ? -15.393 -15.918 12.245  1.00 27.83 ? 4  DG  A "O5'" 1 
ATOM   65  C "C5'" . DG  A 1 4 ? -16.595 -15.621 12.969  1.00 27.50 ? 4  DG  A "C5'" 1 
ATOM   66  C "C4'" . DG  A 1 4 ? -16.931 -14.154 12.849  1.00 24.06 ? 4  DG  A "C4'" 1 
ATOM   67  O "O4'" . DG  A 1 4 ? -16.207 -13.362 13.818  1.00 20.39 ? 4  DG  A "O4'" 1 
ATOM   68  C "C3'" . DG  A 1 4 ? -16.605 -13.568 11.482  1.00 23.49 ? 4  DG  A "C3'" 1 
ATOM   69  O "O3'" . DG  A 1 4 ? -17.697 -12.723 11.112  1.00 28.32 ? 4  DG  A "O3'" 1 
ATOM   70  C "C2'" . DG  A 1 4 ? -15.327 -12.786 11.723  1.00 21.72 ? 4  DG  A "C2'" 1 
ATOM   71  C "C1'" . DG  A 1 4 ? -15.412 -12.376 13.185  1.00 22.73 ? 4  DG  A "C1'" 1 
ATOM   72  N N9    . DG  A 1 4 ? -14.129 -12.317 13.890  1.00 22.64 ? 4  DG  A N9    1 
ATOM   73  C C8    . DG  A 1 4 ? -13.073 -13.178 13.736  1.00 26.17 ? 4  DG  A C8    1 
ATOM   74  N N7    . DG  A 1 4 ? -12.056 -12.888 14.503  1.00 28.01 ? 4  DG  A N7    1 
ATOM   75  C C5    . DG  A 1 4 ? -12.460 -11.760 15.202  1.00 21.73 ? 4  DG  A C5    1 
ATOM   76  C C6    . DG  A 1 4 ? -11.771 -10.984 16.179  1.00 17.73 ? 4  DG  A C6    1 
ATOM   77  O O6    . DG  A 1 4 ? -10.625 -11.136 16.618  1.00 20.35 ? 4  DG  A O6    1 
ATOM   78  N N1    . DG  A 1 4 ? -12.548 -9.933  16.640  1.00 5.57  ? 4  DG  A N1    1 
ATOM   79  C C2    . DG  A 1 4 ? -13.812 -9.656  16.213  1.00 17.60 ? 4  DG  A C2    1 
ATOM   80  N N2    . DG  A 1 4 ? -14.399 -8.609  16.788  1.00 25.99 ? 4  DG  A N2    1 
ATOM   81  N N3    . DG  A 1 4 ? -14.462 -10.355 15.296  1.00 26.16 ? 4  DG  A N3    1 
ATOM   82  C C4    . DG  A 1 4 ? -13.733 -11.392 14.840  1.00 20.83 ? 4  DG  A C4    1 
ATOM   83  P P     . DC  A 1 5 ? -17.721 -12.030 9.669   1.00 33.72 ? 5  DC  A P     1 
ATOM   84  O OP1   . DC  A 1 5 ? -19.118 -12.112 9.198   1.00 37.00 ? 5  DC  A OP1   1 
ATOM   85  O OP2   . DC  A 1 5 ? -16.615 -12.566 8.829   1.00 31.86 ? 5  DC  A OP2   1 
ATOM   86  O "O5'" . DC  A 1 5 ? -17.383 -10.523 10.028  1.00 30.83 ? 5  DC  A "O5'" 1 
ATOM   87  C "C5'" . DC  A 1 5 ? -16.536 -10.258 11.146  1.00 26.30 ? 5  DC  A "C5'" 1 
ATOM   88  C "C4'" . DC  A 1 5 ? -16.453 -8.775  11.398  1.00 30.59 ? 5  DC  A "C4'" 1 
ATOM   89  O "O4'" . DC  A 1 5 ? -15.389 -8.627  12.360  1.00 36.30 ? 5  DC  A "O4'" 1 
ATOM   90  C "C3'" . DC  A 1 5 ? -16.010 -8.010  10.154  1.00 30.99 ? 5  DC  A "C3'" 1 
ATOM   91  O "O3'" . DC  A 1 5 ? -16.541 -6.677  10.183  1.00 34.76 ? 5  DC  A "O3'" 1 
ATOM   92  C "C2'" . DC  A 1 5 ? -14.500 -7.999  10.274  1.00 27.36 ? 5  DC  A "C2'" 1 
ATOM   93  C "C1'" . DC  A 1 5 ? -14.266 -7.986  11.774  1.00 31.60 ? 5  DC  A "C1'" 1 
ATOM   94  N N1    . DC  A 1 5 ? -13.055 -8.708  12.200  1.00 27.66 ? 5  DC  A N1    1 
ATOM   95  C C2    . DC  A 1 5 ? -12.336 -8.220  13.277  1.00 25.85 ? 5  DC  A C2    1 
ATOM   96  O O2    . DC  A 1 5 ? -12.771 -7.240  13.882  1.00 25.75 ? 5  DC  A O2    1 
ATOM   97  N N3    . DC  A 1 5 ? -11.190 -8.834  13.640  1.00 26.28 ? 5  DC  A N3    1 
ATOM   98  C C4    . DC  A 1 5 ? -10.776 -9.913  12.977  1.00 28.54 ? 5  DC  A C4    1 
ATOM   99  N N4    . DC  A 1 5 ? -9.639  -10.484 13.358  1.00 27.94 ? 5  DC  A N4    1 
ATOM   100 C C5    . DC  A 1 5 ? -11.512 -10.455 11.891  1.00 23.50 ? 5  DC  A C5    1 
ATOM   101 C C6    . DC  A 1 5 ? -12.634 -9.826  11.538  1.00 29.54 ? 5  DC  A C6    1 
ATOM   102 P P     . DC  A 1 6 ? -16.282 -5.685  8.938   1.00 49.75 ? 6  DC  A P     1 
ATOM   103 O OP1   . DC  A 1 6 ? -17.492 -4.841  8.804   1.00 47.19 ? 6  DC  A OP1   1 
ATOM   104 O OP2   . DC  A 1 6 ? -15.790 -6.459  7.772   1.00 48.87 ? 6  DC  A OP2   1 
ATOM   105 O "O5'" . DC  A 1 6 ? -15.105 -4.746  9.446   1.00 44.33 ? 6  DC  A "O5'" 1 
ATOM   106 C "C5'" . DC  A 1 6 ? -15.237 -4.067  10.699  1.00 40.11 ? 6  DC  A "C5'" 1 
ATOM   107 C "C4'" . DC  A 1 6 ? -13.903 -3.522  11.152  1.00 32.62 ? 6  DC  A "C4'" 1 
ATOM   108 O "O4'" . DC  A 1 6 ? -13.014 -4.597  11.524  1.00 24.20 ? 6  DC  A "O4'" 1 
ATOM   109 C "C3'" . DC  A 1 6 ? -13.159 -2.694  10.099  1.00 33.54 ? 6  DC  A "C3'" 1 
ATOM   110 O "O3'" . DC  A 1 6 ? -12.673 -1.483  10.668  1.00 41.89 ? 6  DC  A "O3'" 1 
ATOM   111 C "C2'" . DC  A 1 6 ? -11.946 -3.541  9.765   1.00 33.30 ? 6  DC  A "C2'" 1 
ATOM   112 C "C1'" . DC  A 1 6 ? -11.723 -4.265  11.073  1.00 22.08 ? 6  DC  A "C1'" 1 
ATOM   113 N N1    . DC  A 1 6 ? -10.938 -5.491  10.965  1.00 15.95 ? 6  DC  A N1    1 
ATOM   114 C C2    . DC  A 1 6 ? -9.780  -5.584  11.705  1.00 20.51 ? 6  DC  A C2    1 
ATOM   115 O O2    . DC  A 1 6 ? -9.511  -4.674  12.492  1.00 19.84 ? 6  DC  A O2    1 
ATOM   116 N N3    . DC  A 1 6 ? -8.981  -6.665  11.562  1.00 27.46 ? 6  DC  A N3    1 
ATOM   117 C C4    . DC  A 1 6 ? -9.337  -7.645  10.731  1.00 28.80 ? 6  DC  A C4    1 
ATOM   118 N N4    . DC  A 1 6 ? -8.514  -8.692  10.607  1.00 27.12 ? 6  DC  A N4    1 
ATOM   119 C C5    . DC  A 1 6 ? -10.550 -7.593  9.988   1.00 26.46 ? 6  DC  A C5    1 
ATOM   120 C C6    . DC  A 1 6 ? -11.314 -6.505  10.136  1.00 22.47 ? 6  DC  A C6    1 
ATOM   121 O "O5'" . DG  B 1 1 ? 11.260  21.477  -15.023 1.00 26.91 ? 7  DG  B "O5'" 1 
ATOM   122 C "C5'" . DG  B 1 1 ? 10.705  20.562  -14.083 1.00 20.20 ? 7  DG  B "C5'" 1 
ATOM   123 C "C4'" . DG  B 1 1 ? 9.233   20.369  -14.364 1.00 16.53 ? 7  DG  B "C4'" 1 
ATOM   124 O "O4'" . DG  B 1 1 ? 9.066   19.411  -15.429 1.00 16.25 ? 7  DG  B "O4'" 1 
ATOM   125 C "C3'" . DG  B 1 1 ? 8.474   19.805  -13.172 1.00 10.32 ? 7  DG  B "C3'" 1 
ATOM   126 O "O3'" . DG  B 1 1 ? 7.139   20.261  -13.275 1.00 9.11  ? 7  DG  B "O3'" 1 
ATOM   127 C "C2'" . DG  B 1 1 ? 8.501   18.315  -13.423 1.00 17.91 ? 7  DG  B "C2'" 1 
ATOM   128 C "C1'" . DG  B 1 1 ? 8.485   18.209  -14.940 1.00 17.44 ? 7  DG  B "C1'" 1 
ATOM   129 N N9    . DG  B 1 1 ? 9.281   17.088  -15.437 1.00 15.03 ? 7  DG  B N9    1 
ATOM   130 C C8    . DG  B 1 1 ? 10.554  16.753  -15.043 1.00 19.09 ? 7  DG  B C8    1 
ATOM   131 N N7    . DG  B 1 1 ? 11.015  15.691  -15.645 1.00 13.12 ? 7  DG  B N7    1 
ATOM   132 C C5    . DG  B 1 1 ? 9.990   15.310  -16.490 1.00 11.83 ? 7  DG  B C5    1 
ATOM   133 C C6    . DG  B 1 1 ? 9.919   14.241  -17.385 1.00 11.42 ? 7  DG  B C6    1 
ATOM   134 O O6    . DG  B 1 1 ? 10.781  13.389  -17.625 1.00 20.17 ? 7  DG  B O6    1 
ATOM   135 N N1    . DG  B 1 1 ? 8.698   14.209  -18.045 1.00 9.05  ? 7  DG  B N1    1 
ATOM   136 C C2    . DG  B 1 1 ? 7.680   15.106  -17.858 1.00 13.73 ? 7  DG  B C2    1 
ATOM   137 N N2    . DG  B 1 1 ? 6.570   14.908  -18.577 1.00 12.78 ? 7  DG  B N2    1 
ATOM   138 N N3    . DG  B 1 1 ? 7.743   16.120  -17.023 1.00 17.23 ? 7  DG  B N3    1 
ATOM   139 C C4    . DG  B 1 1 ? 8.914   16.160  -16.374 1.00 10.68 ? 7  DG  B C4    1 
ATOM   140 P P     . DG  B 1 2 ? 6.086   19.878  -12.149 1.00 21.77 ? 8  DG  B P     1 
ATOM   141 O OP1   . DG  B 1 2 ? 5.301   21.127  -11.945 1.00 14.72 ? 8  DG  B OP1   1 
ATOM   142 O OP2   . DG  B 1 2 ? 6.785   19.236  -11.019 1.00 13.68 ? 8  DG  B OP2   1 
ATOM   143 O "O5'" . DG  B 1 2 ? 5.157   18.783  -12.836 1.00 23.60 ? 8  DG  B "O5'" 1 
ATOM   144 C "C5'" . DG  B 1 2 ? 4.343   19.133  -13.968 1.00 20.92 ? 8  DG  B "C5'" 1 
ATOM   145 C "C4'" . DG  B 1 2 ? 3.559   17.937  -14.458 1.00 21.20 ? 8  DG  B "C4'" 1 
ATOM   146 O "O4'" . DG  B 1 2 ? 4.451   16.931  -14.986 1.00 22.03 ? 8  DG  B "O4'" 1 
ATOM   147 C "C3'" . DG  B 1 2 ? 2.692   17.235  -13.414 1.00 22.74 ? 8  DG  B "C3'" 1 
ATOM   148 O "O3'" . DG  B 1 2 ? 1.410   16.980  -13.997 1.00 31.32 ? 8  DG  B "O3'" 1 
ATOM   149 C "C2'" . DG  B 1 2 ? 3.426   15.934  -13.144 1.00 23.10 ? 8  DG  B "C2'" 1 
ATOM   150 C "C1'" . DG  B 1 2 ? 4.146   15.660  -14.448 1.00 15.14 ? 8  DG  B "C1'" 1 
ATOM   151 N N9    . DG  B 1 2 ? 5.401   14.929  -14.309 1.00 13.68 ? 8  DG  B N9    1 
ATOM   152 C C8    . DG  B 1 2 ? 6.431   15.237  -13.461 1.00 18.96 ? 8  DG  B C8    1 
ATOM   153 N N7    . DG  B 1 2 ? 7.443   14.421  -13.563 1.00 19.23 ? 8  DG  B N7    1 
ATOM   154 C C5    . DG  B 1 2 ? 7.055   13.511  -14.537 1.00 20.31 ? 8  DG  B C5    1 
ATOM   155 C C6    . DG  B 1 2 ? 7.739   12.386  -15.077 1.00 18.77 ? 8  DG  B C6    1 
ATOM   156 O O6    . DG  B 1 2 ? 8.858   11.954  -14.798 1.00 29.33 ? 8  DG  B O6    1 
ATOM   157 N N1    . DG  B 1 2 ? 6.988   11.744  -16.041 1.00 11.65 ? 8  DG  B N1    1 
ATOM   158 C C2    . DG  B 1 2 ? 5.746   12.117  -16.438 1.00 13.28 ? 8  DG  B C2    1 
ATOM   159 N N2    . DG  B 1 2 ? 5.204   11.345  -17.387 1.00 19.15 ? 8  DG  B N2    1 
ATOM   160 N N3    . DG  B 1 2 ? 5.086   13.158  -15.948 1.00 18.89 ? 8  DG  B N3    1 
ATOM   161 C C4    . DG  B 1 2 ? 5.798   13.806  -15.006 1.00 15.42 ? 8  DG  B C4    1 
ATOM   162 P P     . DC  B 1 3 ? 0.153   16.670  -13.051 1.00 33.19 ? 9  DC  B P     1 
ATOM   163 O OP1   . DC  B 1 3 ? -0.967  17.501  -13.543 1.00 29.80 ? 9  DC  B OP1   1 
ATOM   164 O OP2   . DC  B 1 3 ? 0.586   16.770  -11.638 1.00 33.38 ? 9  DC  B OP2   1 
ATOM   165 O "O5'" . DC  B 1 3 ? -0.122  15.137  -13.354 1.00 34.12 ? 9  DC  B "O5'" 1 
ATOM   166 C "C5'" . DC  B 1 3 ? 0.987   14.260  -13.530 1.00 29.08 ? 9  DC  B "C5'" 1 
ATOM   167 C "C4'" . DC  B 1 3 ? 0.585   13.039  -14.318 1.00 23.34 ? 9  DC  B "C4'" 1 
ATOM   168 O "O4'" . DC  B 1 3 ? 1.816   12.374  -14.651 1.00 23.33 ? 9  DC  B "O4'" 1 
ATOM   169 C "C3'" . DC  B 1 3 ? -0.213  12.044  -13.485 1.00 35.78 ? 9  DC  B "C3'" 1 
ATOM   170 O "O3'" . DC  B 1 3 ? -1.023  11.224  -14.350 1.00 48.25 ? 9  DC  B "O3'" 1 
ATOM   171 C "C2'" . DC  B 1 3 ? 0.877   11.221  -12.823 1.00 30.63 ? 9  DC  B "C2'" 1 
ATOM   172 C "C1'" . DC  B 1 3 ? 2.021   11.243  -13.824 1.00 18.69 ? 9  DC  B "C1'" 1 
ATOM   173 N N1    . DC  B 1 3 ? 3.341   11.378  -13.195 1.00 19.17 ? 9  DC  B N1    1 
ATOM   174 C C2    . DC  B 1 3 ? 4.368   10.509  -13.575 1.00 22.19 ? 9  DC  B C2    1 
ATOM   175 O O2    . DC  B 1 3 ? 4.151   9.688   -14.472 1.00 26.87 ? 9  DC  B O2    1 
ATOM   176 N N3    . DC  B 1 3 ? 5.572   10.593  -12.960 1.00 22.40 ? 9  DC  B N3    1 
ATOM   177 C C4    . DC  B 1 3 ? 5.771   11.513  -12.011 1.00 21.96 ? 9  DC  B C4    1 
ATOM   178 N N4    . DC  B 1 3 ? 6.968   11.555  -11.416 1.00 22.61 ? 9  DC  B N4    1 
ATOM   179 C C5    . DC  B 1 3 ? 4.749   12.430  -11.625 1.00 17.56 ? 9  DC  B C5    1 
ATOM   180 C C6    . DC  B 1 3 ? 3.561   12.329  -12.238 1.00 20.51 ? 9  DC  B C6    1 
ATOM   181 P P     . DG  B 1 4 ? -2.554  10.902  -13.963 1.00 45.96 ? 10 DG  B P     1 
ATOM   182 O OP1   . DG  B 1 4 ? -3.255  10.617  -15.255 1.00 47.59 ? 10 DG  B OP1   1 
ATOM   183 O OP2   . DG  B 1 4 ? -3.074  11.958  -13.060 1.00 51.06 ? 10 DG  B OP2   1 
ATOM   184 O "O5'" . DG  B 1 4 ? -2.450  9.564   -13.113 1.00 36.94 ? 10 DG  B "O5'" 1 
ATOM   185 C "C5'" . DG  B 1 4 ? -1.209  8.882   -13.028 1.00 31.86 ? 10 DG  B "C5'" 1 
ATOM   186 C "C4'" . DG  B 1 4 ? -1.160  7.760   -14.037 1.00 38.01 ? 10 DG  B "C4'" 1 
ATOM   187 O "O4'" . DG  B 1 4 ? 0.231   7.551   -14.301 1.00 38.53 ? 10 DG  B "O4'" 1 
ATOM   188 C "C3'" . DG  B 1 4 ? -1.657  6.444   -13.462 1.00 49.97 ? 10 DG  B "C3'" 1 
ATOM   189 O "O3'" . DG  B 1 4 ? -1.950  5.519   -14.521 1.00 64.48 ? 10 DG  B "O3'" 1 
ATOM   190 C "C2'" . DG  B 1 4 ? -0.449  5.969   -12.678 1.00 46.10 ? 10 DG  B "C2'" 1 
ATOM   191 C "C1'" . DG  B 1 4 ? 0.746   6.605   -13.380 1.00 33.84 ? 10 DG  B "C1'" 1 
ATOM   192 N N9    . DG  B 1 4 ? 1.601   7.335   -12.462 1.00 27.17 ? 10 DG  B N9    1 
ATOM   193 C C8    . DG  B 1 4 ? 1.242   8.414   -11.694 1.00 27.40 ? 10 DG  B C8    1 
ATOM   194 N N7    . DG  B 1 4 ? 2.232   8.888   -10.992 1.00 27.42 ? 10 DG  B N7    1 
ATOM   195 C C5    . DG  B 1 4 ? 3.300   8.066   -11.313 1.00 20.94 ? 10 DG  B C5    1 
ATOM   196 C C6    . DG  B 1 4 ? 4.628   8.088   -10.857 1.00 26.13 ? 10 DG  B C6    1 
ATOM   197 O O6    . DG  B 1 4 ? 5.138   8.853   -10.039 1.00 36.02 ? 10 DG  B O6    1 
ATOM   198 N N1    . DG  B 1 4 ? 5.389   7.078   -11.443 1.00 27.20 ? 10 DG  B N1    1 
ATOM   199 C C2    . DG  B 1 4 ? 4.909   6.154   -12.340 1.00 26.01 ? 10 DG  B C2    1 
ATOM   200 N N2    . DG  B 1 4 ? 5.782   5.240   -12.782 1.00 24.72 ? 10 DG  B N2    1 
ATOM   201 N N3    . DG  B 1 4 ? 3.662   6.122   -12.768 1.00 21.45 ? 10 DG  B N3    1 
ATOM   202 C C4    . DG  B 1 4 ? 2.920   7.100   -12.216 1.00 22.34 ? 10 DG  B C4    1 
ATOM   203 P P     . DC  B 1 5 ? -2.964  4.290   -14.262 1.00 76.77 ? 11 DC  B P     1 
ATOM   204 O OP1   . DC  B 1 5 ? -2.970  3.484   -15.514 1.00 80.07 ? 11 DC  B OP1   1 
ATOM   205 O OP2   . DC  B 1 5 ? -4.252  4.826   -13.725 1.00 75.06 ? 11 DC  B OP2   1 
ATOM   206 O "O5'" . DC  B 1 5 ? -2.261  3.396   -13.142 1.00 63.01 ? 11 DC  B "O5'" 1 
ATOM   207 C "C5'" . DC  B 1 5 ? -0.852  3.499   -12.900 1.00 48.88 ? 11 DC  B "C5'" 1 
ATOM   208 C "C4'" . DC  B 1 5 ? -0.146  2.205   -13.239 1.00 43.11 ? 11 DC  B "C4'" 1 
ATOM   209 O "O4'" . DC  B 1 5 ? 1.250   2.496   -13.032 1.00 43.51 ? 11 DC  B "O4'" 1 
ATOM   210 C "C3'" . DC  B 1 5 ? -0.467  1.038   -12.309 1.00 48.43 ? 11 DC  B "C3'" 1 
ATOM   211 O "O3'" . DC  B 1 5 ? -0.282  -0.253  -12.934 1.00 50.28 ? 11 DC  B "O3'" 1 
ATOM   212 C "C2'" . DC  B 1 5 ? 0.536   1.208   -11.183 1.00 48.56 ? 11 DC  B "C2'" 1 
ATOM   213 C "C1'" . DC  B 1 5 ? 1.694   1.996   -11.778 1.00 35.81 ? 11 DC  B "C1'" 1 
ATOM   214 N N1    . DC  B 1 5 ? 2.024   3.149   -10.932 1.00 29.11 ? 11 DC  B N1    1 
ATOM   215 C C2    . DC  B 1 5 ? 3.294   3.243   -10.339 1.00 28.07 ? 11 DC  B C2    1 
ATOM   216 O O2    . DC  B 1 5 ? 4.161   2.393   -10.614 1.00 22.20 ? 11 DC  B O2    1 
ATOM   217 N N3    . DC  B 1 5 ? 3.548   4.269   -9.496  1.00 20.92 ? 11 DC  B N3    1 
ATOM   218 C C4    . DC  B 1 5 ? 2.610   5.194   -9.274  1.00 24.95 ? 11 DC  B C4    1 
ATOM   219 N N4    . DC  B 1 5 ? 2.900   6.183   -8.436  1.00 32.70 ? 11 DC  B N4    1 
ATOM   220 C C5    . DC  B 1 5 ? 1.332   5.145   -9.901  1.00 20.25 ? 11 DC  B C5    1 
ATOM   221 C C6    . DC  B 1 5 ? 1.083   4.115   -10.708 1.00 22.73 ? 11 DC  B C6    1 
ATOM   222 P P     . DC  B 1 6 ? -0.337  -1.597  -12.029 1.00 53.31 ? 12 DC  B P     1 
ATOM   223 O OP1   . DC  B 1 6 ? -0.046  -2.759  -12.894 1.00 50.09 ? 12 DC  B OP1   1 
ATOM   224 O OP2   . DC  B 1 6 ? -1.599  -1.567  -11.234 1.00 54.15 ? 12 DC  B OP2   1 
ATOM   225 O "O5'" . DC  B 1 6 ? 0.894   -1.468  -11.023 1.00 42.29 ? 12 DC  B "O5'" 1 
ATOM   226 C "C5'" . DC  B 1 6 ? 2.227   -1.768  -11.461 1.00 42.95 ? 12 DC  B "C5'" 1 
ATOM   227 C "C4'" . DC  B 1 6 ? 3.130   -1.994  -10.270 1.00 45.20 ? 12 DC  B "C4'" 1 
ATOM   228 O "O4'" . DC  B 1 6 ? 3.456   -0.731  -9.642  1.00 44.27 ? 12 DC  B "O4'" 1 
ATOM   229 C "C3'" . DC  B 1 6 ? 2.499   -2.858  -9.178  1.00 47.59 ? 12 DC  B "C3'" 1 
ATOM   230 O "O3'" . DC  B 1 6 ? 3.506   -3.652  -8.538  1.00 50.09 ? 12 DC  B "O3'" 1 
ATOM   231 C "C2'" . DC  B 1 6 ? 2.026   -1.832  -8.167  1.00 42.08 ? 12 DC  B "C2'" 1 
ATOM   232 C "C1'" . DC  B 1 6 ? 3.107   -0.771  -8.272  1.00 31.78 ? 12 DC  B "C1'" 1 
ATOM   233 N N1    . DC  B 1 6 ? 2.642   0.563   -7.878  1.00 20.04 ? 12 DC  B N1    1 
ATOM   234 C C2    . DC  B 1 6 ? 3.453   1.375   -7.054  1.00 20.71 ? 12 DC  B C2    1 
ATOM   235 O O2    . DC  B 1 6 ? 4.595   0.989   -6.743  1.00 14.37 ? 12 DC  B O2    1 
ATOM   236 N N3    . DC  B 1 6 ? 2.964   2.565   -6.627  1.00 11.15 ? 12 DC  B N3    1 
ATOM   237 C C4    . DC  B 1 6 ? 1.740   2.954   -6.999  1.00 17.98 ? 12 DC  B C4    1 
ATOM   238 N N4    . DC  B 1 6 ? 1.268   4.105   -6.525  1.00 18.26 ? 12 DC  B N4    1 
ATOM   239 C C5    . DC  B 1 6 ? 0.928   2.172   -7.868  1.00 20.86 ? 12 DC  B C5    1 
ATOM   240 C C6    . DC  B 1 6 ? 1.416   0.998   -8.281  1.00 19.71 ? 12 DC  B C6    1 
ATOM   241 O "O5'" . DG  C 1 1 ? 7.885   8.071   1.591   1.00 70.88 ? 13 DG  C "O5'" 1 
ATOM   242 C "C5'" . DG  C 1 1 ? 8.392   8.490   0.313   1.00 57.91 ? 13 DG  C "C5'" 1 
ATOM   243 C "C4'" . DG  C 1 1 ? 8.975   7.331   -0.461  1.00 48.26 ? 13 DG  C "C4'" 1 
ATOM   244 O "O4'" . DG  C 1 1 ? 7.921   6.516   -1.020  1.00 46.81 ? 13 DG  C "O4'" 1 
ATOM   245 C "C3'" . DG  C 1 1 ? 9.843   7.753   -1.637  1.00 44.42 ? 13 DG  C "C3'" 1 
ATOM   246 O "O3'" . DG  C 1 1 ? 10.868  6.780   -1.782  1.00 47.13 ? 13 DG  C "O3'" 1 
ATOM   247 C "C2'" . DG  C 1 1 ? 8.899   7.657   -2.817  1.00 40.65 ? 13 DG  C "C2'" 1 
ATOM   248 C "C1'" . DG  C 1 1 ? 8.008   6.493   -2.437  1.00 32.25 ? 13 DG  C "C1'" 1 
ATOM   249 N N9    . DG  C 1 1 ? 6.654   6.612   -2.957  1.00 23.33 ? 13 DG  C N9    1 
ATOM   250 C C8    . DG  C 1 1 ? 5.793   7.654   -2.744  1.00 21.72 ? 13 DG  C C8    1 
ATOM   251 N N7    . DG  C 1 1 ? 4.641   7.491   -3.326  1.00 22.07 ? 13 DG  C N7    1 
ATOM   252 C C5    . DG  C 1 1 ? 4.749   6.263   -3.965  1.00 21.03 ? 13 DG  C C5    1 
ATOM   253 C C6    . DG  C 1 1 ? 3.813   5.558   -4.756  1.00 26.12 ? 13 DG  C C6    1 
ATOM   254 O O6    . DG  C 1 1 ? 2.654   5.889   -5.059  1.00 36.82 ? 13 DG  C O6    1 
ATOM   255 N N1    . DG  C 1 1 ? 4.330   4.352   -5.213  1.00 18.39 ? 13 DG  C N1    1 
ATOM   256 C C2    . DG  C 1 1 ? 5.582   3.881   -4.941  1.00 18.06 ? 13 DG  C C2    1 
ATOM   257 N N2    . DG  C 1 1 ? 5.885   2.684   -5.475  1.00 15.49 ? 13 DG  C N2    1 
ATOM   258 N N3    . DG  C 1 1 ? 6.468   4.528   -4.202  1.00 22.35 ? 13 DG  C N3    1 
ATOM   259 C C4    . DG  C 1 1 ? 5.984   5.707   -3.750  1.00 23.13 ? 13 DG  C C4    1 
ATOM   260 P P     . DG  C 1 2 ? 12.223  7.172   -2.530  1.00 58.60 ? 14 DG  C P     1 
ATOM   261 O OP1   . DG  C 1 2 ? 13.351  6.744   -1.662  1.00 59.39 ? 14 DG  C OP1   1 
ATOM   262 O OP2   . DG  C 1 2 ? 12.134  8.584   -2.989  1.00 54.74 ? 14 DG  C OP2   1 
ATOM   263 O "O5'" . DG  C 1 2 ? 12.218  6.210   -3.791  1.00 58.91 ? 14 DG  C "O5'" 1 
ATOM   264 C "C5'" . DG  C 1 2 ? 12.232  4.797   -3.601  1.00 53.62 ? 14 DG  C "C5'" 1 
ATOM   265 C "C4'" . DG  C 1 2 ? 12.001  4.095   -4.917  1.00 53.07 ? 14 DG  C "C4'" 1 
ATOM   266 O "O4'" . DG  C 1 2 ? 10.614  4.159   -5.329  1.00 47.51 ? 14 DG  C "O4'" 1 
ATOM   267 C "C3'" . DG  C 1 2 ? 12.817  4.678   -6.066  1.00 48.49 ? 14 DG  C "C3'" 1 
ATOM   268 O "O3'" . DG  C 1 2 ? 13.373  3.570   -6.778  1.00 50.80 ? 14 DG  C "O3'" 1 
ATOM   269 C "C2'" . DG  C 1 2 ? 11.785  5.416   -6.905  1.00 42.44 ? 14 DG  C "C2'" 1 
ATOM   270 C "C1'" . DG  C 1 2 ? 10.518  4.617   -6.666  1.00 36.48 ? 14 DG  C "C1'" 1 
ATOM   271 N N9    . DG  C 1 2 ? 9.285   5.384   -6.771  1.00 27.01 ? 14 DG  C N9    1 
ATOM   272 C C8    . DG  C 1 2 ? 9.054   6.612   -6.211  1.00 32.29 ? 14 DG  C C8    1 
ATOM   273 N N7    . DG  C 1 2 ? 7.843   7.054   -6.423  1.00 31.25 ? 14 DG  C N7    1 
ATOM   274 C C5    . DG  C 1 2 ? 7.236   6.055   -7.171  1.00 22.46 ? 14 DG  C C5    1 
ATOM   275 C C6    . DG  C 1 2 ? 5.924   5.981   -7.692  1.00 21.70 ? 14 DG  C C6    1 
ATOM   276 O O6    . DG  C 1 2 ? 5.011   6.796   -7.578  1.00 22.03 ? 14 DG  C O6    1 
ATOM   277 N N1    . DG  C 1 2 ? 5.714   4.807   -8.397  1.00 17.74 ? 14 DG  C N1    1 
ATOM   278 C C2    . DG  C 1 2 ? 6.650   3.824   -8.575  1.00 18.90 ? 14 DG  C C2    1 
ATOM   279 N N2    . DG  C 1 2 ? 6.237   2.772   -9.296  1.00 14.69 ? 14 DG  C N2    1 
ATOM   280 N N3    . DG  C 1 2 ? 7.889   3.874   -8.090  1.00 16.72 ? 14 DG  C N3    1 
ATOM   281 C C4    . DG  C 1 2 ? 8.110   5.017   -7.403  1.00 20.67 ? 14 DG  C C4    1 
ATOM   282 P P     . DC  C 1 3 ? 14.603  3.804   -7.774  1.00 55.87 ? 15 DC  C P     1 
ATOM   283 O OP1   . DC  C 1 3 ? 15.612  2.753   -7.491  1.00 62.31 ? 15 DC  C OP1   1 
ATOM   284 O OP2   . DC  C 1 3 ? 14.992  5.239   -7.714  1.00 57.08 ? 15 DC  C OP2   1 
ATOM   285 O "O5'" . DC  C 1 3 ? 13.939  3.515   -9.184  1.00 50.39 ? 15 DC  C "O5'" 1 
ATOM   286 C "C5'" . DC  C 1 3 ? 12.522  3.630   -9.323  1.00 50.19 ? 15 DC  C "C5'" 1 
ATOM   287 C "C4'" . DC  C 1 3 ? 12.035  2.709   -10.413 1.00 52.31 ? 15 DC  C "C4'" 1 
ATOM   288 O "O4'" . DC  C 1 3 ? 10.616  2.916   -10.563 1.00 52.56 ? 15 DC  C "O4'" 1 
ATOM   289 C "C3'" . DC  C 1 3 ? 12.655  3.100   -11.743 1.00 50.52 ? 15 DC  C "C3'" 1 
ATOM   290 O "O3'" . DC  C 1 3 ? 12.748  1.965   -12.607 1.00 55.20 ? 15 DC  C "O3'" 1 
ATOM   291 C "C2'" . DC  C 1 3 ? 11.684  4.127   -12.290 1.00 43.90 ? 15 DC  C "C2'" 1 
ATOM   292 C "C1'" . DC  C 1 3 ? 10.345  3.773   -11.660 1.00 32.37 ? 15 DC  C "C1'" 1 
ATOM   293 N N1    . DC  C 1 3 ? 9.655   4.951   -11.136 1.00 21.70 ? 15 DC  C N1    1 
ATOM   294 C C2    . DC  C 1 3 ? 8.282   5.076   -11.338 1.00 29.60 ? 15 DC  C C2    1 
ATOM   295 O O2    . DC  C 1 3 ? 7.680   4.154   -11.915 1.00 32.84 ? 15 DC  C O2    1 
ATOM   296 N N3    . DC  C 1 3 ? 7.645   6.191   -10.899 1.00 27.34 ? 15 DC  C N3    1 
ATOM   297 C C4    . DC  C 1 3 ? 8.337   7.146   -10.275 1.00 26.39 ? 15 DC  C C4    1 
ATOM   298 N N4    . DC  C 1 3 ? 7.684   8.246   -9.887  1.00 18.08 ? 15 DC  C N4    1 
ATOM   299 C C5    . DC  C 1 3 ? 9.737   7.023   -10.029 1.00 20.34 ? 15 DC  C C5    1 
ATOM   300 C C6    . DC  C 1 3 ? 10.348  5.921   -10.473 1.00 15.82 ? 15 DC  C C6    1 
ATOM   301 P P     . DG  C 1 4 ? 13.373  2.148   -14.071 1.00 62.37 ? 16 DG  C P     1 
ATOM   302 O OP1   . DG  C 1 4 ? 13.756  0.798   -14.571 1.00 55.86 ? 16 DG  C OP1   1 
ATOM   303 O OP2   . DG  C 1 4 ? 14.396  3.239   -14.007 1.00 57.38 ? 16 DG  C OP2   1 
ATOM   304 O "O5'" . DG  C 1 4 ? 12.129  2.666   -14.918 1.00 50.38 ? 16 DG  C "O5'" 1 
ATOM   305 C "C5'" . DG  C 1 4 ? 10.951  1.862   -15.033 1.00 39.03 ? 16 DG  C "C5'" 1 
ATOM   306 C "C4'" . DG  C 1 4 ? 9.916   2.580   -15.863 1.00 38.79 ? 16 DG  C "C4'" 1 
ATOM   307 O "O4'" . DG  C 1 4 ? 9.419   3.728   -15.146 1.00 34.95 ? 16 DG  C "O4'" 1 
ATOM   308 C "C3'" . DG  C 1 4 ? 10.449  3.119   -17.187 1.00 42.73 ? 16 DG  C "C3'" 1 
ATOM   309 O "O3'" . DG  C 1 4 ? 9.360   3.100   -18.114 1.00 48.64 ? 16 DG  C "O3'" 1 
ATOM   310 C "C2'" . DG  C 1 4 ? 10.759  4.565   -16.852 1.00 41.15 ? 16 DG  C "C2'" 1 
ATOM   311 C "C1'" . DG  C 1 4 ? 9.587   4.878   -15.950 1.00 32.53 ? 16 DG  C "C1'" 1 
ATOM   312 N N9    . DG  C 1 4 ? 9.724   6.032   -15.070 1.00 28.98 ? 16 DG  C N9    1 
ATOM   313 C C8    . DG  C 1 4 ? 10.830  6.460   -14.368 1.00 24.08 ? 16 DG  C C8    1 
ATOM   314 N N7    . DG  C 1 4 ? 10.595  7.529   -13.652 1.00 18.26 ? 16 DG  C N7    1 
ATOM   315 C C5    . DG  C 1 4 ? 9.258   7.818   -13.902 1.00 15.32 ? 16 DG  C C5    1 
ATOM   316 C C6    . DG  C 1 4 ? 8.442   8.856   -13.413 1.00 15.45 ? 16 DG  C C6    1 
ATOM   317 O O6    . DG  C 1 4 ? 8.741   9.761   -12.629 1.00 23.43 ? 16 DG  C O6    1 
ATOM   318 N N1    . DG  C 1 4 ? 7.149   8.778   -13.925 1.00 10.09 ? 16 DG  C N1    1 
ATOM   319 C C2    . DG  C 1 4 ? 6.703   7.810   -14.800 1.00 16.68 ? 16 DG  C C2    1 
ATOM   320 N N2    . DG  C 1 4 ? 5.415   7.884   -15.181 1.00 11.19 ? 16 DG  C N2    1 
ATOM   321 N N3    . DG  C 1 4 ? 7.461   6.837   -15.266 1.00 11.45 ? 16 DG  C N3    1 
ATOM   322 C C4    . DG  C 1 4 ? 8.715   6.904   -14.777 1.00 18.67 ? 16 DG  C C4    1 
ATOM   323 P P     . DC  C 1 5 ? 9.651   2.908   -19.678 1.00 50.32 ? 17 DC  C P     1 
ATOM   324 O OP1   . DC  C 1 5 ? 9.322   1.490   -19.993 1.00 53.25 ? 17 DC  C OP1   1 
ATOM   325 O OP2   . DC  C 1 5 ? 11.000  3.458   -20.004 1.00 50.90 ? 17 DC  C OP2   1 
ATOM   326 O "O5'" . DC  C 1 5 ? 8.528   3.790   -20.362 1.00 29.46 ? 17 DC  C "O5'" 1 
ATOM   327 C "C5'" . DC  C 1 5 ? 7.163   3.441   -20.172 1.00 31.41 ? 17 DC  C "C5'" 1 
ATOM   328 C "C4'" . DC  C 1 5 ? 6.280   4.612   -20.522 1.00 27.73 ? 17 DC  C "C4'" 1 
ATOM   329 O "O4'" . DC  C 1 5 ? 6.382   5.634   -19.504 1.00 26.04 ? 17 DC  C "O4'" 1 
ATOM   330 C "C3'" . DC  C 1 5 ? 6.724   5.263   -21.829 1.00 23.50 ? 17 DC  C "C3'" 1 
ATOM   331 O "O3'" . DC  C 1 5 ? 5.580   5.576   -22.613 1.00 17.19 ? 17 DC  C "O3'" 1 
ATOM   332 C "C2'" . DC  C 1 5 ? 7.421   6.533   -21.383 1.00 25.50 ? 17 DC  C "C2'" 1 
ATOM   333 C "C1'" . DC  C 1 5 ? 6.689   6.876   -20.101 1.00 24.59 ? 17 DC  C "C1'" 1 
ATOM   334 N N1    . DC  C 1 5 ? 7.478   7.657   -19.139 1.00 23.94 ? 17 DC  C N1    1 
ATOM   335 C C2    . DC  C 1 5 ? 6.888   8.769   -18.524 1.00 25.35 ? 17 DC  C C2    1 
ATOM   336 O O2    . DC  C 1 5 ? 5.717   9.061   -18.807 1.00 23.52 ? 17 DC  C O2    1 
ATOM   337 N N3    . DC  C 1 5 ? 7.610   9.494   -17.636 1.00 25.27 ? 17 DC  C N3    1 
ATOM   338 C C4    . DC  C 1 5 ? 8.868   9.144   -17.358 1.00 20.60 ? 17 DC  C C4    1 
ATOM   339 N N4    . DC  C 1 5 ? 9.543   9.881   -16.476 1.00 20.56 ? 17 DC  C N4    1 
ATOM   340 C C5    . DC  C 1 5 ? 9.491   8.019   -17.973 1.00 25.18 ? 17 DC  C C5    1 
ATOM   341 C C6    . DC  C 1 5 ? 8.766   7.310   -18.849 1.00 21.35 ? 17 DC  C C6    1 
ATOM   342 P P     . DC  C 1 6 ? 5.773   5.970   -24.144 1.00 25.41 ? 18 DC  C P     1 
ATOM   343 O OP1   . DC  C 1 6 ? 4.708   5.273   -24.920 1.00 25.28 ? 18 DC  C OP1   1 
ATOM   344 O OP2   . DC  C 1 6 ? 7.200   5.777   -24.506 1.00 24.82 ? 18 DC  C OP2   1 
ATOM   345 O "O5'" . DC  C 1 6 ? 5.462   7.533   -24.169 1.00 28.10 ? 18 DC  C "O5'" 1 
ATOM   346 C "C5'" . DC  C 1 6 ? 4.152   7.995   -23.823 1.00 24.67 ? 18 DC  C "C5'" 1 
ATOM   347 C "C4'" . DC  C 1 6 ? 4.177   9.446   -23.391 1.00 21.14 ? 18 DC  C "C4'" 1 
ATOM   348 O "O4'" . DC  C 1 6 ? 5.048   9.645   -22.260 1.00 15.25 ? 18 DC  C "O4'" 1 
ATOM   349 C "C3'" . DC  C 1 6 ? 4.589   10.484  -24.438 1.00 15.81 ? 18 DC  C "C3'" 1 
ATOM   350 O "O3'" . DC  C 1 6 ? 3.475   11.300  -24.810 1.00 28.03 ? 18 DC  C "O3'" 1 
ATOM   351 C "C2'" . DC  C 1 6 ? 5.694   11.281  -23.770 1.00 13.62 ? 18 DC  C "C2'" 1 
ATOM   352 C "C1'" . DC  C 1 6 ? 5.521   10.968  -22.298 1.00 13.62 ? 18 DC  C "C1'" 1 
ATOM   353 N N1    . DC  C 1 6 ? 6.783   11.022  -21.564 1.00 11.43 ? 18 DC  C N1    1 
ATOM   354 C C2    . DC  C 1 6 ? 6.963   12.032  -20.636 1.00 7.85  ? 18 DC  C C2    1 
ATOM   355 O O2    . DC  C 1 6 ? 6.003   12.768  -20.373 1.00 11.31 ? 18 DC  C O2    1 
ATOM   356 N N3    . DC  C 1 6 ? 8.164   12.180  -20.043 1.00 8.42  ? 18 DC  C N3    1 
ATOM   357 C C4    . DC  C 1 6 ? 9.158   11.334  -20.335 1.00 26.84 ? 18 DC  C C4    1 
ATOM   358 N N4    . DC  C 1 6 ? 10.358  11.538  -19.772 1.00 25.87 ? 18 DC  C N4    1 
ATOM   359 C C5    . DC  C 1 6 ? 8.975   10.243  -21.233 1.00 28.43 ? 18 DC  C C5    1 
ATOM   360 C C6    . DC  C 1 6 ? 7.779   10.127  -21.818 1.00 22.38 ? 18 DC  C C6    1 
ATOM   361 O "O5'" . DG  D 1 1 ? -13.604 -6.717  6.805   1.00 51.62 ? 19 DG  D "O5'" 1 
ATOM   362 C "C5'" . DG  D 1 1 ? -12.621 -6.048  5.998   1.00 51.76 ? 19 DG  D "C5'" 1 
ATOM   363 C "C4'" . DG  D 1 1 ? -12.076 -4.833  6.717   1.00 52.12 ? 19 DG  D "C4'" 1 
ATOM   364 O "O4'" . DG  D 1 1 ? -11.042 -5.216  7.652   1.00 48.79 ? 19 DG  D "O4'" 1 
ATOM   365 C "C3'" . DG  D 1 1 ? -11.449 -3.778  5.807   1.00 54.77 ? 19 DG  D "C3'" 1 
ATOM   366 O "O3'" . DG  D 1 1 ? -11.783 -2.500  6.342   1.00 66.47 ? 19 DG  D "O3'" 1 
ATOM   367 C "C2'" . DG  D 1 1 ? -9.960  -3.997  5.982   1.00 45.17 ? 19 DG  D "C2'" 1 
ATOM   368 C "C1'" . DG  D 1 1 ? -9.872  -4.456  7.422   1.00 33.66 ? 19 DG  D "C1'" 1 
ATOM   369 N N9    . DG  D 1 1 ? -8.727  -5.315  7.673   1.00 25.70 ? 19 DG  D N9    1 
ATOM   370 C C8    . DG  D 1 1 ? -8.428  -6.502  7.051   1.00 28.74 ? 19 DG  D C8    1 
ATOM   371 N N7    . DG  D 1 1 ? -7.297  -7.020  7.454   1.00 31.86 ? 19 DG  D N7    1 
ATOM   372 C C5    . DG  D 1 1 ? -6.833  -6.127  8.409   1.00 21.95 ? 19 DG  D C5    1 
ATOM   373 C C6    . DG  D 1 1 ? -5.663  -6.160  9.199   1.00 21.82 ? 19 DG  D C6    1 
ATOM   374 O O6    . DG  D 1 1 ? -4.766  -7.010  9.213   1.00 22.51 ? 19 DG  D O6    1 
ATOM   375 N N1    . DG  D 1 1 ? -5.580  -5.052  10.036  1.00 21.23 ? 19 DG  D N1    1 
ATOM   376 C C2    . DG  D 1 1 ? -6.512  -4.044  10.108  1.00 21.74 ? 19 DG  D C2    1 
ATOM   377 N N2    . DG  D 1 1 ? -6.246  -3.047  10.976  1.00 23.05 ? 19 DG  D N2    1 
ATOM   378 N N3    . DG  D 1 1 ? -7.618  -4.010  9.382   1.00 21.28 ? 19 DG  D N3    1 
ATOM   379 C C4    . DG  D 1 1 ? -7.711  -5.073  8.560   1.00 24.06 ? 19 DG  D C4    1 
ATOM   380 P P     . DG  D 1 2 ? -11.964 -1.253  5.358   1.00 71.39 ? 20 DG  D P     1 
ATOM   381 O OP1   . DG  D 1 2 ? -13.392 -0.829  5.470   1.00 68.32 ? 20 DG  D OP1   1 
ATOM   382 O OP2   . DG  D 1 2 ? -11.403 -1.613  4.032   1.00 70.36 ? 20 DG  D OP2   1 
ATOM   383 O "O5'" . DG  D 1 2 ? -11.032 -0.156  6.032   1.00 65.73 ? 20 DG  D "O5'" 1 
ATOM   384 C "C5'" . DG  D 1 2 ? -11.220 0.180   7.407   1.00 65.36 ? 20 DG  D "C5'" 1 
ATOM   385 C "C4'" . DG  D 1 2 ? -9.963  0.796   7.972   1.00 64.77 ? 20 DG  D "C4'" 1 
ATOM   386 O "O4'" . DG  D 1 2 ? -8.957  -0.214  8.204   1.00 55.75 ? 20 DG  D "O4'" 1 
ATOM   387 C "C3'" . DG  D 1 2 ? -9.315  1.842   7.065   1.00 71.46 ? 20 DG  D "C3'" 1 
ATOM   388 O "O3'" . DG  D 1 2 ? -8.864  2.927   7.900   1.00 86.06 ? 20 DG  D "O3'" 1 
ATOM   389 C "C2'" . DG  D 1 2 ? -8.132  1.099   6.471   1.00 63.54 ? 20 DG  D "C2'" 1 
ATOM   390 C "C1'" . DG  D 1 2 ? -7.737  0.198   7.621   1.00 46.13 ? 20 DG  D "C1'" 1 
ATOM   391 N N9    . DG  D 1 2 ? -7.007  -0.998  7.239   1.00 39.92 ? 20 DG  D N9    1 
ATOM   392 C C8    . DG  D 1 2 ? -7.436  -1.980  6.379   1.00 39.12 ? 20 DG  D C8    1 
ATOM   393 N N7    . DG  D 1 2 ? -6.584  -2.967  6.268   1.00 39.03 ? 20 DG  D N7    1 
ATOM   394 C C5    . DG  D 1 2 ? -5.525  -2.608  7.094   1.00 27.77 ? 20 DG  D C5    1 
ATOM   395 C C6    . DG  D 1 2 ? -4.312  -3.281  7.368   1.00 31.14 ? 20 DG  D C6    1 
ATOM   396 O O6    . DG  D 1 2 ? -3.918  -4.362  6.918   1.00 36.10 ? 20 DG  D O6    1 
ATOM   397 N N1    . DG  D 1 2 ? -3.520  -2.568  8.265   1.00 21.29 ? 20 DG  D N1    1 
ATOM   398 C C2    . DG  D 1 2 ? -3.853  -1.355  8.813   1.00 19.26 ? 20 DG  D C2    1 
ATOM   399 N N2    . DG  D 1 2 ? -2.952  -0.820  9.656   1.00 14.08 ? 20 DG  D N2    1 
ATOM   400 N N3    . DG  D 1 2 ? -4.980  -0.712  8.556   1.00 16.00 ? 20 DG  D N3    1 
ATOM   401 C C4    . DG  D 1 2 ? -5.764  -1.392  7.695   1.00 28.22 ? 20 DG  D C4    1 
ATOM   402 P P     . DC  D 1 3 ? -8.284  4.274   7.233   1.00 92.37 ? 21 DC  D P     1 
ATOM   403 O OP1   . DC  D 1 3 ? -8.703  5.408   8.107   1.00 92.39 ? 21 DC  D OP1   1 
ATOM   404 O OP2   . DC  D 1 3 ? -8.624  4.294   5.779   1.00 87.17 ? 21 DC  D OP2   1 
ATOM   405 O "O5'" . DC  D 1 3 ? -6.713  4.098   7.398   1.00 83.91 ? 21 DC  D "O5'" 1 
ATOM   406 C "C5'" . DC  D 1 3 ? -6.144  3.884   8.698   1.00 78.03 ? 21 DC  D "C5'" 1 
ATOM   407 C "C4'" . DC  D 1 3 ? -4.651  4.096   8.637   1.00 77.31 ? 21 DC  D "C4'" 1 
ATOM   408 O "O4'" . DC  D 1 3 ? -3.918  2.872   8.384   1.00 75.01 ? 21 DC  D "O4'" 1 
ATOM   409 C "C3'" . DC  D 1 3 ? -4.309  5.036   7.488   1.00 75.71 ? 21 DC  D "C3'" 1 
ATOM   410 O "O3'" . DC  D 1 3 ? -3.225  5.864   7.889   1.00 81.43 ? 21 DC  D "O3'" 1 
ATOM   411 C "C2'" . DC  D 1 3 ? -3.827  4.090   6.405   1.00 74.42 ? 21 DC  D "C2'" 1 
ATOM   412 C "C1'" . DC  D 1 3 ? -3.116  3.034   7.229   1.00 66.53 ? 21 DC  D "C1'" 1 
ATOM   413 N N1    . DC  D 1 3 ? -2.984  1.726   6.569   1.00 57.45 ? 21 DC  D N1    1 
ATOM   414 C C2    . DC  D 1 3 ? -1.867  0.929   6.864   1.00 51.61 ? 21 DC  D C2    1 
ATOM   415 O O2    . DC  D 1 3 ? -1.032  1.344   7.697   1.00 41.97 ? 21 DC  D O2    1 
ATOM   416 N N3    . DC  D 1 3 ? -1.729  -0.269  6.241   1.00 45.71 ? 21 DC  D N3    1 
ATOM   417 C C4    . DC  D 1 3 ? -2.657  -0.681  5.369   1.00 50.26 ? 21 DC  D C4    1 
ATOM   418 N N4    . DC  D 1 3 ? -2.493  -1.876  4.781   1.00 43.72 ? 21 DC  D N4    1 
ATOM   419 C C5    . DC  D 1 3 ? -3.805  0.112   5.056   1.00 50.35 ? 21 DC  D C5    1 
ATOM   420 C C6    . DC  D 1 3 ? -3.927  1.294   5.674   1.00 54.54 ? 21 DC  D C6    1 
ATOM   421 P P     . DG  D 1 4 ? -2.773  7.072   6.947   1.00 81.91 ? 22 DG  D P     1 
ATOM   422 O OP1   . DG  D 1 4 ? -3.762  8.164   7.151   1.00 86.66 ? 22 DG  D OP1   1 
ATOM   423 O OP2   . DG  D 1 4 ? -2.547  6.534   5.583   1.00 86.24 ? 22 DG  D OP2   1 
ATOM   424 O "O5'" . DG  D 1 4 ? -1.367  7.494   7.559   1.00 78.33 ? 22 DG  D "O5'" 1 
ATOM   425 C "C5'" . DG  D 1 4 ? -0.845  6.827   8.717   1.00 71.57 ? 22 DG  D "C5'" 1 
ATOM   426 C "C4'" . DG  D 1 4 ? 0.450   6.130   8.368   1.00 69.58 ? 22 DG  D "C4'" 1 
ATOM   427 O "O4'" . DG  D 1 4 ? 0.199   4.903   7.645   1.00 64.07 ? 22 DG  D "O4'" 1 
ATOM   428 C "C3'" . DG  D 1 4 ? 1.345   6.973   7.461   1.00 72.51 ? 22 DG  D "C3'" 1 
ATOM   429 O "O3'" . DG  D 1 4 ? 2.716   6.742   7.804   1.00 84.80 ? 22 DG  D "O3'" 1 
ATOM   430 C "C2'" . DG  D 1 4 ? 1.091   6.384   6.085   1.00 64.15 ? 22 DG  D "C2'" 1 
ATOM   431 C "C1'" . DG  D 1 4 ? 0.942   4.918   6.437   1.00 51.55 ? 22 DG  D "C1'" 1 
ATOM   432 N N9    . DG  D 1 4 ? 0.236   4.098   5.466   1.00 34.24 ? 22 DG  D N9    1 
ATOM   433 C C8    . DG  D 1 4 ? -0.972  4.364   4.877   1.00 36.67 ? 22 DG  D C8    1 
ATOM   434 N N7    . DG  D 1 4 ? -1.380  3.407   4.087   1.00 32.62 ? 22 DG  D N7    1 
ATOM   435 C C5    . DG  D 1 4 ? -0.371  2.457   4.150   1.00 23.60 ? 22 DG  D C5    1 
ATOM   436 C C6    . DG  D 1 4 ? -0.256  1.213   3.502   1.00 17.78 ? 22 DG  D C6    1 
ATOM   437 O O6    . DG  D 1 4 ? -1.058  0.684   2.728   1.00 16.43 ? 22 DG  D O6    1 
ATOM   438 N N1    . DG  D 1 4 ? 0.927   0.561   3.842   1.00 16.63 ? 22 DG  D N1    1 
ATOM   439 C C2    . DG  D 1 4 ? 1.885   1.062   4.700   1.00 20.09 ? 22 DG  D C2    1 
ATOM   440 N N2    . DG  D 1 4 ? 2.979   0.293   4.907   1.00 5.70  ? 22 DG  D N2    1 
ATOM   441 N N3    . DG  D 1 4 ? 1.785   2.234   5.310   1.00 21.30 ? 22 DG  D N3    1 
ATOM   442 C C4    . DG  D 1 4 ? 0.639   2.872   4.990   1.00 26.22 ? 22 DG  D C4    1 
ATOM   443 P P     . DC  D 1 5 ? 3.872   7.402   6.908   1.00 93.22 ? 23 DC  D P     1 
ATOM   444 O OP1   . DC  D 1 5 ? 4.477   8.518   7.687   1.00 95.78 ? 23 DC  D OP1   1 
ATOM   445 O OP2   . DC  D 1 5 ? 3.280   7.677   5.566   1.00 92.79 ? 23 DC  D OP2   1 
ATOM   446 O "O5'" . DC  D 1 5 ? 4.966   6.251   6.757   1.00 88.00 ? 23 DC  D "O5'" 1 
ATOM   447 C "C5'" . DC  D 1 5 ? 6.073   6.423   5.857   1.00 77.25 ? 23 DC  D "C5'" 1 
ATOM   448 C "C4'" . DC  D 1 5 ? 6.654   5.087   5.455   1.00 67.19 ? 23 DC  D "C4'" 1 
ATOM   449 O "O4'" . DC  D 1 5 ? 5.604   4.163   5.088   1.00 66.08 ? 23 DC  D "O4'" 1 
ATOM   450 C "C3'" . DC  D 1 5 ? 7.548   5.227   4.227   1.00 62.57 ? 23 DC  D "C3'" 1 
ATOM   451 O "O3'" . DC  D 1 5 ? 8.723   4.433   4.364   1.00 65.03 ? 23 DC  D "O3'" 1 
ATOM   452 C "C2'" . DC  D 1 5 ? 6.691   4.718   3.085   1.00 59.34 ? 23 DC  D "C2'" 1 
ATOM   453 C "C1'" . DC  D 1 5 ? 5.761   3.719   3.748   1.00 53.08 ? 23 DC  D "C1'" 1 
ATOM   454 N N1    . DC  D 1 5 ? 4.426   3.678   3.128   1.00 44.49 ? 23 DC  D N1    1 
ATOM   455 C C2    . DC  D 1 5 ? 4.092   2.610   2.278   1.00 39.84 ? 23 DC  D C2    1 
ATOM   456 O O2    . DC  D 1 5 ? 4.923   1.708   2.096   1.00 42.35 ? 23 DC  D O2    1 
ATOM   457 N N3    . DC  D 1 5 ? 2.870   2.591   1.681   1.00 30.58 ? 23 DC  D N3    1 
ATOM   458 C C4    . DC  D 1 5 ? 2.000   3.581   1.919   1.00 34.26 ? 23 DC  D C4    1 
ATOM   459 N N4    . DC  D 1 5 ? 0.809   3.537   1.319   1.00 24.13 ? 23 DC  D N4    1 
ATOM   460 C C5    . DC  D 1 5 ? 2.312   4.670   2.791   1.00 38.95 ? 23 DC  D C5    1 
ATOM   461 C C6    . DC  D 1 5 ? 3.523   4.675   3.370   1.00 37.98 ? 23 DC  D C6    1 
ATOM   462 P P     . DC  D 1 6 ? 10.120  5.024   3.843   1.00 78.06 ? 24 DC  D P     1 
ATOM   463 O OP1   . DC  D 1 6 ? 11.233  4.272   4.493   1.00 78.18 ? 24 DC  D OP1   1 
ATOM   464 O OP2   . DC  D 1 6 ? 10.046  6.504   3.981   1.00 77.85 ? 24 DC  D OP2   1 
ATOM   465 O "O5'" . DC  D 1 6 ? 10.120  4.675   2.288   1.00 73.41 ? 24 DC  D "O5'" 1 
ATOM   466 C "C5'" . DC  D 1 6 ? 8.883   4.424   1.598   1.00 57.46 ? 24 DC  D "C5'" 1 
ATOM   467 C "C4'" . DC  D 1 6 ? 8.847   2.999   1.095   1.00 41.77 ? 24 DC  D "C4'" 1 
ATOM   468 O "O4'" . DC  D 1 6 ? 7.471   2.645   0.864   1.00 35.28 ? 24 DC  D "O4'" 1 
ATOM   469 C "C3'" . DC  D 1 6 ? 9.556   2.782   -0.234  1.00 42.92 ? 24 DC  D "C3'" 1 
ATOM   470 O "O3'" . DC  D 1 6 ? 9.867   1.395   -0.408  1.00 51.84 ? 24 DC  D "O3'" 1 
ATOM   471 C "C2'" . DC  D 1 6 ? 8.451   3.080   -1.225  1.00 35.24 ? 24 DC  D "C2'" 1 
ATOM   472 C "C1'" . DC  D 1 6 ? 7.222   2.531   -0.525  1.00 17.50 ? 24 DC  D "C1'" 1 
ATOM   473 N N1    . DC  D 1 6 ? 5.999   3.279   -0.808  1.00 19.21 ? 24 DC  D N1    1 
ATOM   474 C C2    . DC  D 1 6 ? 5.018   2.676   -1.581  1.00 17.55 ? 24 DC  D C2    1 
ATOM   475 O O2    . DC  D 1 6 ? 5.240   1.547   -2.035  1.00 18.07 ? 24 DC  D O2    1 
ATOM   476 N N3    . DC  D 1 6 ? 3.859   3.337   -1.821  1.00 11.39 ? 24 DC  D N3    1 
ATOM   477 C C4    . DC  D 1 6 ? 3.679   4.565   -1.318  1.00 17.03 ? 24 DC  D C4    1 
ATOM   478 N N4    . DC  D 1 6 ? 2.515   5.177   -1.552  1.00 16.37 ? 24 DC  D N4    1 
ATOM   479 C C5    . DC  D 1 6 ? 4.687   5.220   -0.545  1.00 15.81 ? 24 DC  D C5    1 
ATOM   480 C C6    . DC  D 1 6 ? 5.819   4.542   -0.314  1.00 18.92 ? 24 DC  D C6    1 
ATOM   481 O "O5'" . DG  E 1 1 ? -3.147  -0.348  -7.176  1.00 40.85 ? 25 DG  E "O5'" 1 
ATOM   482 C "C5'" . DG  E 1 1 ? -2.788  -1.213  -8.261  1.00 50.99 ? 25 DG  E "C5'" 1 
ATOM   483 C "C4'" . DG  E 1 1 ? -1.658  -2.144  -7.882  1.00 55.97 ? 25 DG  E "C4'" 1 
ATOM   484 O "O4'" . DG  E 1 1 ? -0.564  -1.355  -7.361  1.00 56.19 ? 25 DG  E "O4'" 1 
ATOM   485 C "C3'" . DG  E 1 1 ? -2.020  -3.143  -6.785  1.00 61.49 ? 25 DG  E "C3'" 1 
ATOM   486 O "O3'" . DG  E 1 1 ? -1.317  -4.376  -6.980  1.00 67.75 ? 25 DG  E "O3'" 1 
ATOM   487 C "C2'" . DG  E 1 1 ? -1.523  -2.472  -5.519  1.00 59.51 ? 25 DG  E "C2'" 1 
ATOM   488 C "C1'" . DG  E 1 1 ? -0.344  -1.635  -5.984  1.00 47.82 ? 25 DG  E "C1'" 1 
ATOM   489 N N9    . DG  E 1 1 ? -0.260  -0.362  -5.276  1.00 39.72 ? 25 DG  E N9    1 
ATOM   490 C C8    . DG  E 1 1 ? -1.256  0.585   -5.143  1.00 33.88 ? 25 DG  E C8    1 
ATOM   491 N N7    . DG  E 1 1 ? -0.895  1.609   -4.417  1.00 27.46 ? 25 DG  E N7    1 
ATOM   492 C C5    . DG  E 1 1 ? 0.419   1.327   -4.062  1.00 24.48 ? 25 DG  E C5    1 
ATOM   493 C C6    . DG  E 1 1 ? 1.337   2.073   -3.284  1.00 24.59 ? 25 DG  E C6    1 
ATOM   494 O O6    . DG  E 1 1 ? 1.162   3.172   -2.741  1.00 24.28 ? 25 DG  E O6    1 
ATOM   495 N N1    . DG  E 1 1 ? 2.564   1.415   -3.164  1.00 17.23 ? 25 DG  E N1    1 
ATOM   496 C C2    . DG  E 1 1 ? 2.863   0.197   -3.738  1.00 20.42 ? 25 DG  E C2    1 
ATOM   497 N N2    . DG  E 1 1 ? 4.092   -0.282  -3.522  1.00 14.36 ? 25 DG  E N2    1 
ATOM   498 N N3    . DG  E 1 1 ? 2.015   -0.501  -4.472  1.00 22.18 ? 25 DG  E N3    1 
ATOM   499 C C4    . DG  E 1 1 ? 0.822   0.115   -4.589  1.00 27.88 ? 25 DG  E C4    1 
ATOM   500 P P     . DG  E 1 2 ? -1.194  -5.418  -5.764  1.00 69.57 ? 26 DG  E P     1 
ATOM   501 O OP1   . DG  E 1 2 ? -0.874  -6.739  -6.366  1.00 71.61 ? 26 DG  E OP1   1 
ATOM   502 O OP2   . DG  E 1 2 ? -2.383  -5.273  -4.892  1.00 76.00 ? 26 DG  E OP2   1 
ATOM   503 O "O5'" . DG  E 1 2 ? 0.079   -4.918  -4.951  1.00 64.67 ? 26 DG  E "O5'" 1 
ATOM   504 C "C5'" . DG  E 1 2 ? 1.397   -5.222  -5.428  1.00 70.87 ? 26 DG  E "C5'" 1 
ATOM   505 C "C4'" . DG  E 1 2 ? 2.332   -5.471  -4.267  1.00 70.02 ? 26 DG  E "C4'" 1 
ATOM   506 O "O4'" . DG  E 1 2 ? 2.516   -4.235  -3.549  1.00 68.09 ? 26 DG  E "O4'" 1 
ATOM   507 C "C3'" . DG  E 1 2 ? 1.799   -6.469  -3.243  1.00 70.28 ? 26 DG  E "C3'" 1 
ATOM   508 O "O3'" . DG  E 1 2 ? 2.927   -7.079  -2.600  1.00 72.72 ? 26 DG  E "O3'" 1 
ATOM   509 C "C2'" . DG  E 1 2 ? 1.088   -5.569  -2.255  1.00 68.85 ? 26 DG  E "C2'" 1 
ATOM   510 C "C1'" . DG  E 1 2 ? 2.010   -4.365  -2.233  1.00 58.38 ? 26 DG  E "C1'" 1 
ATOM   511 N N9    . DG  E 1 2 ? 1.363   -3.112  -1.881  1.00 48.96 ? 26 DG  E N9    1 
ATOM   512 C C8    . DG  E 1 2 ? 0.102   -2.688  -2.229  1.00 42.43 ? 26 DG  E C8    1 
ATOM   513 N N7    . DG  E 1 2 ? -0.187  -1.509  -1.746  1.00 41.32 ? 26 DG  E N7    1 
ATOM   514 C C5    . DG  E 1 2 ? 0.957   -1.135  -1.042  1.00 34.52 ? 26 DG  E C5    1 
ATOM   515 C C6    . DG  E 1 2 ? 1.243   0.042   -0.308  1.00 25.90 ? 26 DG  E C6    1 
ATOM   516 O O6    . DG  E 1 2 ? 0.529   1.024   -0.130  1.00 32.55 ? 26 DG  E O6    1 
ATOM   517 N N1    . DG  E 1 2 ? 2.516   0.009   0.247   1.00 23.61 ? 26 DG  E N1    1 
ATOM   518 C C2    . DG  E 1 2 ? 3.410   -1.028  0.110   1.00 35.76 ? 26 DG  E C2    1 
ATOM   519 N N2    . DG  E 1 2 ? 4.603   -0.879  0.729   1.00 32.51 ? 26 DG  E N2    1 
ATOM   520 N N3    . DG  E 1 2 ? 3.158   -2.132  -0.578  1.00 36.41 ? 26 DG  E N3    1 
ATOM   521 C C4    . DG  E 1 2 ? 1.920   -2.115  -1.120  1.00 41.82 ? 26 DG  E C4    1 
ATOM   522 P P     . DC  E 1 3 ? 2.699   -8.213  -1.488  1.00 76.80 ? 27 DC  E P     1 
ATOM   523 O OP1   . DC  E 1 3 ? 3.563   -9.361  -1.880  1.00 75.25 ? 27 DC  E OP1   1 
ATOM   524 O OP2   . DC  E 1 3 ? 1.236   -8.414  -1.308  1.00 73.84 ? 27 DC  E OP2   1 
ATOM   525 O "O5'" . DC  E 1 3 ? 3.299   -7.564  -0.162  1.00 70.66 ? 27 DC  E "O5'" 1 
ATOM   526 C "C5'" . DC  E 1 3 ? 4.625   -7.011  -0.169  1.00 66.44 ? 27 DC  E "C5'" 1 
ATOM   527 C "C4'" . DC  E 1 3 ? 4.871   -6.208  1.086   1.00 59.44 ? 27 DC  E "C4'" 1 
ATOM   528 O "O4'" . DC  E 1 3 ? 4.094   -4.983  1.098   1.00 56.56 ? 27 DC  E "O4'" 1 
ATOM   529 C "C3'" . DC  E 1 3 ? 4.489   -6.968  2.353   1.00 63.66 ? 27 DC  E "C3'" 1 
ATOM   530 O "O3'" . DC  E 1 3 ? 5.498   -6.757  3.341   1.00 77.39 ? 27 DC  E "O3'" 1 
ATOM   531 C "C2'" . DC  E 1 3 ? 3.209   -6.290  2.804   1.00 59.54 ? 27 DC  E "C2'" 1 
ATOM   532 C "C1'" . DC  E 1 3 ? 3.438   -4.863  2.346   1.00 47.56 ? 27 DC  E "C1'" 1 
ATOM   533 N N1    . DC  E 1 3 ? 2.207   -4.071  2.159   1.00 32.74 ? 27 DC  E N1    1 
ATOM   534 C C2    . DC  E 1 3 ? 2.129   -2.770  2.713   1.00 23.59 ? 27 DC  E C2    1 
ATOM   535 O O2    . DC  E 1 3 ? 3.108   -2.301  3.301   1.00 23.56 ? 27 DC  E O2    1 
ATOM   536 N N3    . DC  E 1 3 ? 0.989   -2.063  2.586   1.00 18.93 ? 27 DC  E N3    1 
ATOM   537 C C4    . DC  E 1 3 ? -0.046  -2.591  1.930   1.00 28.86 ? 27 DC  E C4    1 
ATOM   538 N N4    . DC  E 1 3 ? -1.160  -1.863  1.829   1.00 35.19 ? 27 DC  E N4    1 
ATOM   539 C C5    . DC  E 1 3 ? 0.013   -3.898  1.342   1.00 25.75 ? 27 DC  E C5    1 
ATOM   540 C C6    . DC  E 1 3 ? 1.147   -4.591  1.480   1.00 22.49 ? 27 DC  E C6    1 
ATOM   541 P P     . DG  E 1 4 ? 6.230   -8.022  3.994   1.00 85.60 ? 28 DG  E P     1 
ATOM   542 O OP1   . DG  E 1 4 ? 7.257   -8.481  3.028   1.00 89.62 ? 28 DG  E OP1   1 
ATOM   543 O OP2   . DG  E 1 4 ? 5.167   -8.956  4.452   1.00 84.05 ? 28 DG  E OP2   1 
ATOM   544 O "O5'" . DG  E 1 4 ? 6.986   -7.439  5.265   1.00 81.04 ? 28 DG  E "O5'" 1 
ATOM   545 C "C5'" . DG  E 1 4 ? 6.368   -7.476  6.555   1.00 76.81 ? 28 DG  E "C5'" 1 
ATOM   546 C "C4'" . DG  E 1 4 ? 6.201   -6.071  7.087   1.00 70.86 ? 28 DG  E "C4'" 1 
ATOM   547 O "O4'" . DG  E 1 4 ? 5.270   -5.333  6.260   1.00 58.47 ? 28 DG  E "O4'" 1 
ATOM   548 C "C3'" . DG  E 1 4 ? 5.644   -6.024  8.509   1.00 70.72 ? 28 DG  E "C3'" 1 
ATOM   549 O "O3'" . DG  E 1 4 ? 6.418   -5.102  9.285   1.00 82.02 ? 28 DG  E "O3'" 1 
ATOM   550 C "C2'" . DG  E 1 4 ? 4.226   -5.517  8.341   1.00 60.64 ? 28 DG  E "C2'" 1 
ATOM   551 C "C1'" . DG  E 1 4 ? 4.280   -4.715  7.057   1.00 45.63 ? 28 DG  E "C1'" 1 
ATOM   552 N N9    . DG  E 1 4 ? 3.023   -4.782  6.329   1.00 36.80 ? 28 DG  E N9    1 
ATOM   553 C C8    . DG  E 1 4 ? 2.599   -5.809  5.517   1.00 34.11 ? 28 DG  E C8    1 
ATOM   554 N N7    . DG  E 1 4 ? 1.397   -5.619  5.034   1.00 33.81 ? 28 DG  E N7    1 
ATOM   555 C C5    . DG  E 1 4 ? 1.009   -4.388  5.550   1.00 29.23 ? 28 DG  E C5    1 
ATOM   556 C C6    . DG  E 1 4 ? -0.190  -3.659  5.372   1.00 23.17 ? 28 DG  E C6    1 
ATOM   557 O O6    . DG  E 1 4 ? -1.187  -3.967  4.711   1.00 22.86 ? 28 DG  E O6    1 
ATOM   558 N N1    . DG  E 1 4 ? -0.167  -2.457  6.075   1.00 29.00 ? 28 DG  E N1    1 
ATOM   559 C C2    . DG  E 1 4 ? 0.881   -2.011  6.851   1.00 31.32 ? 28 DG  E C2    1 
ATOM   560 N N2    . DG  E 1 4 ? 0.711   -0.818  7.455   1.00 20.99 ? 28 DG  E N2    1 
ATOM   561 N N3    . DG  E 1 4 ? 2.012   -2.684  7.024   1.00 29.25 ? 28 DG  E N3    1 
ATOM   562 C C4    . DG  E 1 4 ? 2.007   -3.854  6.347   1.00 34.15 ? 28 DG  E C4    1 
ATOM   563 P P     . DC  E 1 5 ? 6.727   -5.431  10.825  1.00 84.64 ? 29 DC  E P     1 
ATOM   564 O OP1   . DC  E 1 5 ? 7.756   -4.453  11.272  1.00 87.46 ? 29 DC  E OP1   1 
ATOM   565 O OP2   . DC  E 1 5 ? 6.977   -6.895  10.986  1.00 83.09 ? 29 DC  E OP2   1 
ATOM   566 O "O5'" . DC  E 1 5 ? 5.349   -5.082  11.533  1.00 74.52 ? 29 DC  E "O5'" 1 
ATOM   567 C "C5'" . DC  E 1 5 ? 4.200   -4.778  10.742  1.00 59.49 ? 29 DC  E "C5'" 1 
ATOM   568 C "C4'" . DC  E 1 5 ? 3.506   -3.562  11.304  1.00 56.70 ? 29 DC  E "C4'" 1 
ATOM   569 O "O4'" . DC  E 1 5 ? 2.474   -3.164  10.376  1.00 54.01 ? 29 DC  E "O4'" 1 
ATOM   570 C "C3'" . DC  E 1 5 ? 2.805   -3.877  12.621  1.00 59.74 ? 29 DC  E "C3'" 1 
ATOM   571 O "O3'" . DC  E 1 5 ? 2.906   -2.795  13.553  1.00 59.19 ? 29 DC  E "O3'" 1 
ATOM   572 C "C2'" . DC  E 1 5 ? 1.360   -4.100  12.228  1.00 56.86 ? 29 DC  E "C2'" 1 
ATOM   573 C "C1'" . DC  E 1 5 ? 1.183   -3.312  10.940  1.00 48.44 ? 29 DC  E "C1'" 1 
ATOM   574 N N1    . DC  E 1 5 ? 0.362   -4.051  9.974   1.00 43.97 ? 29 DC  E N1    1 
ATOM   575 C C2    . DC  E 1 5 ? -0.851  -3.505  9.528   1.00 39.22 ? 29 DC  E C2    1 
ATOM   576 O O2    . DC  E 1 5 ? -1.183  -2.367  9.910   1.00 32.95 ? 29 DC  E O2    1 
ATOM   577 N N3    . DC  E 1 5 ? -1.624  -4.231  8.691   1.00 32.70 ? 29 DC  E N3    1 
ATOM   578 C C4    . DC  E 1 5 ? -1.223  -5.443  8.299   1.00 34.34 ? 29 DC  E C4    1 
ATOM   579 N N4    . DC  E 1 5 ? -2.027  -6.143  7.502   1.00 44.17 ? 29 DC  E N4    1 
ATOM   580 C C5    . DC  E 1 5 ? 0.017   -5.999  8.711   1.00 30.03 ? 29 DC  E C5    1 
ATOM   581 C C6    . DC  E 1 5 ? 0.772   -5.277  9.534   1.00 34.54 ? 29 DC  E C6    1 
ATOM   582 P P     . DC  E 1 6 ? 2.690   -3.085  15.117  1.00 55.42 ? 30 DC  E P     1 
ATOM   583 O OP1   . DC  E 1 6 ? 3.975   -2.816  15.801  1.00 58.42 ? 30 DC  E OP1   1 
ATOM   584 O OP2   . DC  E 1 6 ? 2.058   -4.416  15.241  1.00 57.06 ? 30 DC  E OP2   1 
ATOM   585 O "O5'" . DC  E 1 6 ? 1.629   -1.986  15.553  1.00 47.41 ? 30 DC  E "O5'" 1 
ATOM   586 C "C5'" . DC  E 1 6 ? 0.297   -2.356  15.920  1.00 46.75 ? 30 DC  E "C5'" 1 
ATOM   587 C "C4'" . DC  E 1 6 ? -0.699  -1.631  15.046  1.00 47.69 ? 30 DC  E "C4'" 1 
ATOM   588 O "O4'" . DC  E 1 6 ? -0.825  -2.332  13.785  1.00 42.60 ? 30 DC  E "O4'" 1 
ATOM   589 C "C3'" . DC  E 1 6 ? -2.107  -1.593  15.645  1.00 50.37 ? 30 DC  E "C3'" 1 
ATOM   590 O "O3'" . DC  E 1 6 ? -2.821  -0.452  15.155  1.00 61.71 ? 30 DC  E "O3'" 1 
ATOM   591 C "C2'" . DC  E 1 6 ? -2.791  -2.758  14.962  1.00 48.19 ? 30 DC  E "C2'" 1 
ATOM   592 C "C1'" . DC  E 1 6 ? -2.184  -2.680  13.579  1.00 36.67 ? 30 DC  E "C1'" 1 
ATOM   593 N N1    . DC  E 1 6 ? -2.236  -3.952  12.853  1.00 37.70 ? 30 DC  E N1    1 
ATOM   594 C C2    . DC  E 1 6 ? -3.363  -4.219  12.083  1.00 36.69 ? 30 DC  E C2    1 
ATOM   595 O O2    . DC  E 1 6 ? -4.263  -3.364  12.027  1.00 29.00 ? 30 DC  E O2    1 
ATOM   596 N N3    . DC  E 1 6 ? -3.449  -5.395  11.416  1.00 35.56 ? 30 DC  E N3    1 
ATOM   597 C C4    . DC  E 1 6 ? -2.452  -6.277  11.497  1.00 35.16 ? 30 DC  E C4    1 
ATOM   598 N N4    . DC  E 1 6 ? -2.573  -7.418  10.815  1.00 39.34 ? 30 DC  E N4    1 
ATOM   599 C C5    . DC  E 1 6 ? -1.286  -6.029  12.278  1.00 31.74 ? 30 DC  E C5    1 
ATOM   600 C C6    . DC  E 1 6 ? -1.219  -4.862  12.932  1.00 35.13 ? 30 DC  E C6    1 
HETATM 601 N N1    . SPM F 2 . ? 9.817   12.787  -12.737 1.00 21.55 ? 32 SPM B N1    1 
HETATM 602 C C2    . SPM F 2 . ? 10.768  12.910  -13.945 1.00 15.08 ? 32 SPM B C2    1 
HETATM 603 C C3    . SPM F 2 . ? 12.126  12.795  -13.363 1.00 15.08 ? 32 SPM B C3    1 
HETATM 604 C C4    . SPM F 2 . ? 13.270  12.886  -14.379 1.00 27.87 ? 32 SPM B C4    1 
HETATM 605 N N5    . SPM F 2 . ? 12.845  13.101  -15.804 1.00 15.94 ? 32 SPM B N5    1 
HETATM 606 C C6    . SPM F 2 . ? 14.153  12.886  -16.660 1.00 26.42 ? 32 SPM B C6    1 
HETATM 607 C C7    . SPM F 2 . ? 13.845  13.609  -18.048 1.00 25.87 ? 32 SPM B C7    1 
HETATM 608 N N1    . SPM G 2 . ? -3.913  -8.007  5.383   1.00 57.02 ? 31 SPM D N1    1 
HETATM 609 C C2    . SPM G 2 . ? -3.618  -8.880  6.619   1.00 47.52 ? 31 SPM D C2    1 
HETATM 610 C C3    . SPM G 2 . ? -4.950  -9.334  7.131   1.00 37.95 ? 31 SPM D C3    1 
HETATM 611 C C4    . SPM G 2 . ? -4.858  -10.224 8.374   1.00 42.50 ? 31 SPM D C4    1 
HETATM 612 N N5    . SPM G 2 . ? -3.458  -10.326 8.896   1.00 39.19 ? 31 SPM D N5    1 
HETATM 613 C C6    . SPM G 2 . ? -3.386  -11.446 10.002  1.00 40.00 ? 31 SPM D C6    1 
HETATM 614 C C7    . SPM G 2 . ? -4.174  -10.776 11.239  1.00 34.99 ? 31 SPM D C7    1 
HETATM 615 C C8    . SPM G 2 . ? -4.760  -11.722 11.970  1.00 27.35 ? 31 SPM D C8    1 
HETATM 616 C C9    . SPM G 2 . ? -4.926  -10.842 13.359  1.00 27.88 ? 31 SPM D C9    1 
HETATM 617 N N10   . SPM G 2 . ? -5.761  -11.890 14.202  1.00 31.74 ? 31 SPM D N10   1 
HETATM 618 C C11   . SPM G 2 . ? -6.137  -11.415 15.662  1.00 28.00 ? 31 SPM D C11   1 
HETATM 619 C C12   . SPM G 2 . ? -6.998  -12.649 16.334  1.00 34.10 ? 31 SPM D C12   1 
HETATM 620 C C13   . SPM G 2 . ? -7.907  -11.958 17.349  1.00 35.51 ? 31 SPM D C13   1 
HETATM 621 N N14   . SPM G 2 . ? -8.028  -12.895 18.543  1.00 33.89 ? 31 SPM D N14   1 
HETATM 622 O O     . HOH H 3 . ? -9.381  -13.205 14.835  1.00 5.87  ? 34 HOH A O     1 
HETATM 623 O O     . HOH H 3 . ? -11.895 -15.188 10.212  1.00 16.14 ? 36 HOH A O     1 
HETATM 624 O O     . HOH H 3 . ? -13.996 -2.953  16.386  1.00 48.53 ? 38 HOH A O     1 
HETATM 625 O O     . HOH H 3 . ? -14.940 -5.240  14.331  1.00 24.83 ? 39 HOH A O     1 
HETATM 626 O O     . HOH I 3 . ? 2.228   9.157   -15.872 1.00 12.04 ? 33 HOH B O     1 
HETATM 627 O O     . HOH I 3 . ? 6.244   -0.689  -6.731  1.00 32.60 ? 42 HOH B O     1 
HETATM 628 O O     . HOH I 3 . ? 9.536   15.344  -11.557 1.00 42.10 ? 44 HOH B O     1 
HETATM 629 O O     . HOH J 3 . ? 12.301  9.055   -12.017 1.00 69.15 ? 35 HOH C O     1 
HETATM 630 O O     . HOH J 3 . ? 15.434  8.620   -16.052 1.00 83.32 ? 37 HOH C O     1 
HETATM 631 O O     . HOH J 3 . ? 12.520  8.479   -16.206 1.00 92.41 ? 40 HOH C O     1 
HETATM 632 O O     . HOH J 3 . ? 8.365   1.042   -10.180 1.00 41.58 ? 41 HOH C O     1 
HETATM 633 O O     . HOH J 3 . ? 3.328   9.427   -6.538  1.00 51.22 ? 43 HOH C O     1 
HETATM 634 O O     . HOH J 3 . ? 3.855   13.756  -20.986 1.00 35.82 ? 45 HOH C O     1 
HETATM 635 O O     . HOH J 3 . ? 3.398   16.630  -19.193 1.00 69.62 ? 46 HOH C O     1 
HETATM 636 O O     . HOH J 3 . ? 8.089   1.707   -5.165  1.00 30.51 ? 47 HOH C O     1 
HETATM 637 O O     . HOH J 3 . ? 5.731   9.081   -6.400  1.00 58.16 ? 48 HOH C O     1 
# 
